data_8JRB
#
_entry.id   8JRB
#
_cell.length_a   178.826
_cell.length_b   74.725
_cell.length_c   129.560
_cell.angle_alpha   90.000
_cell.angle_beta   108.250
_cell.angle_gamma   90.000
#
_symmetry.space_group_name_H-M   'C 1 2 1'
#
loop_
_entity.id
_entity.type
_entity.pdbx_description
1 polymer 'DNA polymerase I'
2 water water
#
_entity_poly.entity_id   1
_entity_poly.type   'polypeptide(L)'
_entity_poly.pdbx_seq_one_letter_code
;MHHHHHHLEVLFQGPLGSEFRAGMTFEYITGKTGLKEICKRLEKSPYLYLATATTGNRIRLVQLGDDEKTYVIDLYEIHD
ITPLRELISEKGVIGHNLKFDLHYLMNYQIEPLATFDTMIASFLLGYERHSLNHLVGNLLGYTLDKSYQLSDWGAPVLSD
AQLKYAAKDVDVLRELFPKLRDMLNELEGERGEELLKTRTARIFGLKSPVAIVEMAFVKEVAKLERNGLPVDIETLESTL
KDIERKTQKKVQEFLIKFRVDPFSPKQVGQLLTSKYKLNLPRTQKGNVSTDDKVLSSYAHVEPVRLLLEIRKLKKLSDKF
KEIKENLKGDRLYPEFKQIGAVTGRMSSLKPNVQNVPREERAIFKAPEGNTFVIADFSQIELRIAAEYVNEELMIRAFRE
GKDLHRYTASLVLGKREEEITKEERQLAKAINFGLIYGISAKGLAEYARTGYGVEISEEEAETFRNRFFKNFKAFKLWHE
KVKKELKEKGVFRGRTLLGRRFTATTFNDAVNYPIQGTGADLLKLAVLLFDAEAKKKKLDAKLVNLVHDEIVVECRKEVA
NQVKEVLEKAMKQAGKIILKKVPVEVESVINERWIKD
;
_entity_poly.pdbx_strand_id   A,B
#
# COMPACT_ATOMS: atom_id res chain seq x y z
N MET A 24 9.11 26.90 -5.58
CA MET A 24 8.80 26.67 -6.99
C MET A 24 7.50 27.36 -7.36
N THR A 25 6.48 26.58 -7.72
CA THR A 25 5.14 27.10 -7.93
C THR A 25 4.34 27.18 -6.62
N PHE A 26 5.04 27.17 -5.47
CA PHE A 26 4.39 27.21 -4.16
C PHE A 26 5.26 28.00 -3.20
N GLU A 27 4.62 28.53 -2.15
CA GLU A 27 5.32 29.22 -1.08
C GLU A 27 5.43 28.30 0.13
N TYR A 28 6.64 28.17 0.65
CA TYR A 28 6.93 27.34 1.82
C TYR A 28 6.85 28.23 3.06
N ILE A 29 5.91 27.92 3.96
CA ILE A 29 5.60 28.77 5.10
C ILE A 29 6.13 28.11 6.37
N THR A 30 7.03 28.82 7.07
CA THR A 30 7.72 28.30 8.24
C THR A 30 7.70 29.24 9.43
N GLY A 31 6.85 30.28 9.43
CA GLY A 31 6.85 31.24 10.51
C GLY A 31 5.50 31.92 10.64
N LYS A 32 5.32 32.61 11.77
CA LYS A 32 4.05 33.29 12.07
C LYS A 32 3.74 34.35 11.05
N THR A 33 4.70 35.23 10.78
CA THR A 33 4.46 36.35 9.89
C THR A 33 4.05 35.87 8.50
N GLY A 34 4.76 34.88 7.96
CA GLY A 34 4.36 34.29 6.70
C GLY A 34 2.97 33.67 6.78
N LEU A 35 2.70 32.94 7.86
CA LEU A 35 1.40 32.32 8.01
C LEU A 35 0.30 33.36 8.04
N LYS A 36 0.49 34.43 8.83
CA LYS A 36 -0.52 35.48 8.91
C LYS A 36 -0.75 36.15 7.56
N GLU A 37 0.32 36.42 6.81
CA GLU A 37 0.17 36.99 5.47
C GLU A 37 -0.71 36.11 4.59
N ILE A 38 -0.33 34.85 4.45
CA ILE A 38 -1.01 34.00 3.49
C ILE A 38 -2.43 33.71 3.94
N CYS A 39 -2.65 33.62 5.25
CA CYS A 39 -4.00 33.43 5.76
C CYS A 39 -4.87 34.62 5.41
N LYS A 40 -4.35 35.83 5.63
CA LYS A 40 -5.03 37.03 5.15
C LYS A 40 -5.30 36.95 3.65
N ARG A 41 -4.33 36.42 2.89
CA ARG A 41 -4.52 36.32 1.44
C ARG A 41 -5.55 35.25 1.09
N LEU A 42 -5.71 34.24 1.93
CA LEU A 42 -6.68 33.20 1.61
C LEU A 42 -8.07 33.51 2.13
N GLU A 43 -8.24 34.58 2.90
CA GLU A 43 -9.56 34.91 3.42
C GLU A 43 -10.50 35.31 2.30
N LYS A 44 -9.95 35.74 1.17
CA LYS A 44 -10.71 36.17 -0.01
C LYS A 44 -11.14 35.00 -0.88
N SER A 45 -10.67 33.80 -0.63
CA SER A 45 -11.01 32.75 -1.57
C SER A 45 -12.39 32.17 -1.29
N PRO A 46 -13.06 31.66 -2.33
CA PRO A 46 -14.38 31.05 -2.11
C PRO A 46 -14.29 29.77 -1.28
N TYR A 47 -13.15 29.09 -1.33
CA TYR A 47 -12.92 27.83 -0.63
C TYR A 47 -11.42 27.55 -0.69
N LEU A 48 -10.99 26.46 -0.05
CA LEU A 48 -9.58 26.08 -0.01
C LEU A 48 -9.40 24.65 -0.49
N TYR A 49 -8.39 24.43 -1.33
CA TYR A 49 -7.91 23.08 -1.60
C TYR A 49 -6.98 22.68 -0.46
N LEU A 50 -7.12 21.45 0.01
CA LEU A 50 -6.41 21.05 1.23
C LEU A 50 -5.85 19.64 1.11
N ALA A 51 -4.62 19.47 1.57
CA ALA A 51 -4.03 18.17 1.80
C ALA A 51 -3.12 18.31 2.99
N THR A 52 -2.67 17.17 3.54
CA THR A 52 -1.77 17.14 4.68
C THR A 52 -0.69 16.10 4.44
N ALA A 53 0.44 16.28 5.12
CA ALA A 53 1.45 15.25 5.24
C ALA A 53 1.57 14.92 6.72
N THR A 54 1.38 13.66 7.06
CA THR A 54 1.27 13.28 8.46
C THR A 54 2.40 12.33 8.83
N THR A 55 2.64 12.26 10.14
CA THR A 55 3.63 11.33 10.67
C THR A 55 3.11 10.88 12.03
N GLY A 56 2.78 9.60 12.16
CA GLY A 56 2.23 9.13 13.42
C GLY A 56 0.93 9.86 13.73
N ASN A 57 0.88 10.43 14.94
CA ASN A 57 -0.29 11.21 15.38
C ASN A 57 -0.32 12.62 14.81
N ARG A 58 0.79 13.11 14.24
CA ARG A 58 0.96 14.52 13.99
C ARG A 58 0.76 14.90 12.52
N ILE A 59 0.52 16.17 12.29
CA ILE A 59 0.60 16.75 10.95
C ILE A 59 1.97 17.39 10.80
N ARG A 60 2.71 17.02 9.76
CA ARG A 60 3.94 17.74 9.45
C ARG A 60 3.65 18.95 8.58
N LEU A 61 2.92 18.75 7.48
CA LEU A 61 2.60 19.78 6.53
C LEU A 61 1.10 19.88 6.34
N VAL A 62 0.60 21.12 6.28
CA VAL A 62 -0.73 21.41 5.73
C VAL A 62 -0.52 22.13 4.40
N GLN A 63 -1.10 21.58 3.34
CA GLN A 63 -1.03 22.19 2.02
C GLN A 63 -2.37 22.82 1.70
N LEU A 64 -2.34 24.10 1.35
CA LEU A 64 -3.53 24.87 1.03
C LEU A 64 -3.37 25.54 -0.32
N GLY A 65 -4.49 25.82 -0.96
CA GLY A 65 -4.48 26.58 -2.20
C GLY A 65 -5.77 27.33 -2.38
N ASP A 66 -5.69 28.49 -3.03
CA ASP A 66 -6.88 29.06 -3.64
C ASP A 66 -6.80 28.75 -5.13
N ASP A 67 -7.39 29.58 -5.97
CA ASP A 67 -7.39 29.26 -7.40
C ASP A 67 -6.14 29.73 -8.11
N GLU A 68 -5.20 30.38 -7.41
CA GLU A 68 -4.01 30.90 -8.09
C GLU A 68 -2.71 30.50 -7.40
N LYS A 69 -2.75 30.24 -6.10
CA LYS A 69 -1.51 30.02 -5.36
C LYS A 69 -1.61 28.78 -4.49
N THR A 70 -0.44 28.25 -4.17
CA THR A 70 -0.29 27.03 -3.41
C THR A 70 0.69 27.29 -2.27
N TYR A 71 0.34 26.82 -1.07
CA TYR A 71 1.15 27.01 0.12
C TYR A 71 1.40 25.67 0.79
N VAL A 72 2.65 25.46 1.22
CA VAL A 72 3.03 24.30 2.02
C VAL A 72 3.44 24.82 3.39
N ILE A 73 2.65 24.50 4.40
CA ILE A 73 2.78 25.06 5.75
C ILE A 73 3.40 23.99 6.64
N ASP A 74 4.59 24.28 7.21
CA ASP A 74 5.35 23.33 7.99
C ASP A 74 5.06 23.53 9.47
N LEU A 75 4.25 22.63 10.04
CA LEU A 75 3.84 22.73 11.43
C LEU A 75 4.97 22.47 12.39
N TYR A 76 6.06 21.84 11.92
CA TYR A 76 7.20 21.64 12.80
C TYR A 76 7.99 22.93 13.02
N GLU A 77 7.77 23.94 12.18
CA GLU A 77 8.50 25.21 12.29
C GLU A 77 7.64 26.35 12.83
N ILE A 78 6.37 26.10 13.13
CA ILE A 78 5.43 27.13 13.52
C ILE A 78 4.82 26.71 14.86
N HIS A 79 5.09 27.48 15.91
CA HIS A 79 4.65 27.13 17.25
C HIS A 79 3.18 27.46 17.53
N ASP A 80 2.60 28.40 16.78
CA ASP A 80 1.24 28.86 16.99
C ASP A 80 0.54 28.90 15.64
N ILE A 81 -0.48 28.07 15.48
CA ILE A 81 -1.17 27.95 14.20
C ILE A 81 -2.57 28.53 14.32
N THR A 82 -2.74 29.48 15.24
CA THR A 82 -4.03 30.15 15.39
C THR A 82 -4.56 30.76 14.10
N PRO A 83 -3.76 31.46 13.27
CA PRO A 83 -4.33 31.95 12.01
C PRO A 83 -4.81 30.84 11.11
N LEU A 84 -4.08 29.74 11.05
CA LEU A 84 -4.49 28.59 10.25
C LEU A 84 -5.79 27.99 10.77
N ARG A 85 -5.89 27.83 12.08
CA ARG A 85 -7.12 27.31 12.68
C ARG A 85 -8.29 28.23 12.38
N GLU A 86 -8.09 29.54 12.55
CA GLU A 86 -9.15 30.51 12.30
C GLU A 86 -9.57 30.51 10.84
N LEU A 87 -8.60 30.47 9.93
CA LEU A 87 -8.91 30.50 8.50
C LEU A 87 -9.75 29.30 8.09
N ILE A 88 -9.31 28.09 8.44
CA ILE A 88 -10.00 26.88 8.02
C ILE A 88 -11.41 26.83 8.63
N SER A 89 -11.59 27.34 9.85
CA SER A 89 -12.89 27.25 10.49
C SER A 89 -13.98 28.03 9.75
N GLU A 90 -13.59 28.98 8.90
CA GLU A 90 -14.55 29.78 8.14
C GLU A 90 -14.57 29.43 6.64
N LYS A 91 -13.98 28.31 6.24
CA LYS A 91 -13.86 27.97 4.83
C LYS A 91 -14.35 26.55 4.56
N GLY A 92 -14.96 26.37 3.39
CA GLY A 92 -15.12 25.04 2.85
C GLY A 92 -13.80 24.56 2.26
N VAL A 93 -13.47 23.30 2.52
CA VAL A 93 -12.22 22.73 2.03
C VAL A 93 -12.52 21.62 1.02
N ILE A 94 -11.62 21.48 0.06
CA ILE A 94 -11.71 20.54 -1.05
C ILE A 94 -10.50 19.62 -0.97
N GLY A 95 -10.74 18.31 -0.87
CA GLY A 95 -9.64 17.37 -0.77
C GLY A 95 -10.10 15.97 -1.11
N HIS A 96 -9.16 15.04 -1.02
CA HIS A 96 -9.41 13.65 -1.38
C HIS A 96 -9.42 12.77 -0.13
N ASN A 97 -10.53 12.08 0.09
CA ASN A 97 -10.72 11.26 1.29
C ASN A 97 -10.48 12.09 2.56
N LEU A 98 -11.31 13.13 2.70
CA LEU A 98 -11.12 14.12 3.74
C LEU A 98 -11.32 13.56 5.15
N LYS A 99 -12.01 12.42 5.29
CA LYS A 99 -12.24 11.86 6.61
C LYS A 99 -10.93 11.76 7.39
N PHE A 100 -9.86 11.32 6.72
CA PHE A 100 -8.61 11.14 7.42
C PHE A 100 -7.97 12.48 7.77
N ASP A 101 -8.05 13.46 6.86
CA ASP A 101 -7.57 14.80 7.19
C ASP A 101 -8.36 15.39 8.35
N LEU A 102 -9.68 15.14 8.39
CA LEU A 102 -10.48 15.65 9.49
C LEU A 102 -10.00 15.09 10.83
N HIS A 103 -9.65 13.80 10.87
CA HIS A 103 -9.13 13.20 12.09
C HIS A 103 -7.86 13.90 12.54
N TYR A 104 -6.92 14.10 11.61
CA TYR A 104 -5.66 14.74 12.00
C TYR A 104 -5.88 16.20 12.40
N LEU A 105 -6.76 16.90 11.69
CA LEU A 105 -7.02 18.30 12.01
C LEU A 105 -7.68 18.44 13.38
N MET A 106 -8.57 17.51 13.73
CA MET A 106 -9.21 17.59 15.03
C MET A 106 -8.19 17.43 16.16
N ASN A 107 -7.09 16.71 15.91
CA ASN A 107 -6.00 16.66 16.89
C ASN A 107 -5.40 18.03 17.15
N TYR A 108 -5.61 18.99 16.26
CA TYR A 108 -5.14 20.35 16.46
C TYR A 108 -6.28 21.32 16.67
N GLN A 109 -7.45 20.82 17.06
CA GLN A 109 -8.63 21.64 17.28
C GLN A 109 -8.96 22.47 16.05
N ILE A 110 -8.81 21.84 14.87
CA ILE A 110 -9.11 22.48 13.60
C ILE A 110 -10.25 21.73 12.94
N GLU A 111 -11.27 22.48 12.52
CA GLU A 111 -12.41 21.89 11.86
C GLU A 111 -12.87 22.82 10.75
N PRO A 112 -12.97 22.36 9.51
CA PRO A 112 -13.44 23.22 8.43
C PRO A 112 -14.94 23.48 8.52
N LEU A 113 -15.35 24.58 7.90
CA LEU A 113 -16.75 24.94 7.85
C LEU A 113 -17.56 23.96 6.99
N ALA A 114 -16.97 23.50 5.88
CA ALA A 114 -17.65 22.58 4.99
C ALA A 114 -16.61 21.76 4.23
N THR A 115 -17.08 20.70 3.58
CA THR A 115 -16.21 19.73 2.94
C THR A 115 -16.74 19.35 1.56
N PHE A 116 -15.83 19.30 0.59
CA PHE A 116 -16.07 18.71 -0.72
C PHE A 116 -14.98 17.67 -0.93
N ASP A 117 -15.37 16.42 -1.15
CA ASP A 117 -14.45 15.29 -1.15
C ASP A 117 -14.41 14.69 -2.56
N THR A 118 -13.24 14.77 -3.22
CA THR A 118 -13.13 14.25 -4.58
C THR A 118 -13.26 12.73 -4.62
N MET A 119 -12.93 12.06 -3.52
CA MET A 119 -13.16 10.61 -3.48
C MET A 119 -14.64 10.28 -3.47
N ILE A 120 -15.41 10.95 -2.61
CA ILE A 120 -16.86 10.77 -2.61
C ILE A 120 -17.42 11.12 -3.99
N ALA A 121 -16.91 12.19 -4.61
CA ALA A 121 -17.33 12.55 -5.96
C ALA A 121 -17.14 11.39 -6.93
N SER A 122 -15.98 10.74 -6.88
CA SER A 122 -15.75 9.66 -7.83
C SER A 122 -16.68 8.47 -7.56
N PHE A 123 -17.06 8.22 -6.30
CA PHE A 123 -18.07 7.20 -6.03
C PHE A 123 -19.39 7.56 -6.68
N LEU A 124 -19.84 8.80 -6.49
CA LEU A 124 -21.13 9.23 -7.01
C LEU A 124 -21.15 9.27 -8.53
N LEU A 125 -19.99 9.37 -9.17
CA LEU A 125 -19.95 9.46 -10.62
C LEU A 125 -19.71 8.12 -11.28
N GLY A 126 -19.50 7.05 -10.51
CA GLY A 126 -19.54 5.72 -11.06
C GLY A 126 -18.20 5.16 -11.51
N TYR A 127 -17.08 5.75 -11.11
CA TYR A 127 -15.79 5.17 -11.41
C TYR A 127 -15.63 3.83 -10.71
N GLU A 128 -14.72 3.00 -11.24
CA GLU A 128 -14.42 1.70 -10.64
C GLU A 128 -13.27 1.76 -9.65
N ARG A 129 -12.39 2.74 -9.78
CA ARG A 129 -11.32 3.01 -8.83
C ARG A 129 -11.46 4.46 -8.38
N HIS A 130 -11.10 4.72 -7.13
CA HIS A 130 -11.37 6.02 -6.53
C HIS A 130 -10.12 6.67 -5.94
N SER A 131 -8.93 6.14 -6.24
CA SER A 131 -7.72 6.80 -5.82
C SER A 131 -7.54 8.13 -6.54
N LEU A 132 -6.77 9.02 -5.92
CA LEU A 132 -6.41 10.26 -6.57
C LEU A 132 -5.65 10.00 -7.87
N ASN A 133 -4.85 8.92 -7.91
CA ASN A 133 -4.16 8.56 -9.15
C ASN A 133 -5.16 8.19 -10.25
N HIS A 134 -6.20 7.43 -9.90
CA HIS A 134 -7.20 7.06 -10.91
C HIS A 134 -7.91 8.30 -11.44
N LEU A 135 -8.20 9.26 -10.56
CA LEU A 135 -8.93 10.45 -10.99
C LEU A 135 -8.09 11.31 -11.91
N VAL A 136 -6.81 11.49 -11.56
CA VAL A 136 -5.92 12.26 -12.42
C VAL A 136 -5.75 11.57 -13.77
N GLY A 137 -5.60 10.24 -13.74
CA GLY A 137 -5.45 9.50 -14.99
C GLY A 137 -6.64 9.65 -15.92
N ASN A 138 -7.84 9.76 -15.37
CA ASN A 138 -9.05 9.75 -16.19
C ASN A 138 -9.51 11.14 -16.59
N LEU A 139 -9.21 12.16 -15.79
CA LEU A 139 -9.72 13.50 -16.04
C LEU A 139 -8.66 14.49 -16.48
N LEU A 140 -7.38 14.22 -16.19
CA LEU A 140 -6.31 15.10 -16.60
C LEU A 140 -5.35 14.47 -17.60
N GLY A 141 -5.47 13.17 -17.85
CA GLY A 141 -4.73 12.56 -18.94
C GLY A 141 -3.27 12.29 -18.64
N TYR A 142 -2.91 12.05 -17.38
CA TYR A 142 -1.54 11.67 -17.07
C TYR A 142 -1.54 10.90 -15.76
N THR A 143 -0.43 10.23 -15.49
CA THR A 143 -0.25 9.44 -14.27
C THR A 143 0.39 10.29 -13.19
N LEU A 144 -0.12 10.16 -11.97
CA LEU A 144 0.39 10.92 -10.85
C LEU A 144 1.70 10.30 -10.34
N ASP A 145 2.66 11.15 -10.01
CA ASP A 145 3.91 10.69 -9.41
C ASP A 145 3.66 10.20 -7.99
N LYS A 146 4.18 9.02 -7.66
CA LYS A 146 4.13 8.51 -6.30
C LYS A 146 5.51 8.19 -5.74
N SER A 147 6.58 8.73 -6.33
CA SER A 147 7.93 8.41 -5.86
C SER A 147 8.12 8.73 -4.37
N TYR A 148 7.43 9.75 -3.86
CA TYR A 148 7.63 10.17 -2.47
C TYR A 148 6.42 9.90 -1.58
N GLN A 149 5.54 8.96 -1.96
CA GLN A 149 4.37 8.69 -1.12
C GLN A 149 4.79 8.13 0.24
N LEU A 150 5.80 7.26 0.27
CA LEU A 150 6.21 6.65 1.53
C LEU A 150 7.36 7.39 2.19
N SER A 151 7.58 8.65 1.87
CA SER A 151 8.75 9.28 2.45
C SER A 151 8.46 9.62 3.92
N ASP A 152 9.52 9.94 4.65
CA ASP A 152 9.43 10.20 6.09
C ASP A 152 9.05 11.65 6.33
N TRP A 153 7.76 11.88 6.61
CA TRP A 153 7.30 13.20 7.03
C TRP A 153 7.63 13.53 8.48
N GLY A 154 8.23 12.61 9.22
CA GLY A 154 8.71 12.91 10.55
C GLY A 154 10.19 13.22 10.62
N ALA A 155 10.89 13.24 9.49
CA ALA A 155 12.33 13.49 9.47
C ALA A 155 12.65 14.94 9.86
N PRO A 156 13.81 15.16 10.47
CA PRO A 156 14.18 16.54 10.85
C PRO A 156 14.19 17.52 9.69
N VAL A 157 14.69 17.11 8.53
CA VAL A 157 14.83 17.99 7.38
C VAL A 157 14.15 17.36 6.17
N LEU A 158 13.16 18.05 5.61
CA LEU A 158 12.53 17.61 4.37
C LEU A 158 13.29 18.17 3.18
N SER A 159 13.34 17.40 2.10
CA SER A 159 13.99 17.90 0.89
C SER A 159 13.01 18.74 0.07
N ASP A 160 13.56 19.54 -0.84
CA ASP A 160 12.71 20.30 -1.75
C ASP A 160 11.83 19.38 -2.58
N ALA A 161 12.35 18.21 -2.97
CA ALA A 161 11.54 17.25 -3.70
C ALA A 161 10.33 16.82 -2.88
N GLN A 162 10.51 16.62 -1.58
CA GLN A 162 9.38 16.27 -0.73
C GLN A 162 8.38 17.40 -0.63
N LEU A 163 8.85 18.63 -0.43
CA LEU A 163 7.94 19.76 -0.37
C LEU A 163 7.18 19.94 -1.68
N LYS A 164 7.86 19.78 -2.83
CA LYS A 164 7.17 19.87 -4.11
C LYS A 164 6.14 18.77 -4.27
N TYR A 165 6.48 17.55 -3.83
CA TYR A 165 5.53 16.46 -3.86
C TYR A 165 4.28 16.80 -3.06
N ALA A 166 4.46 17.38 -1.87
CA ALA A 166 3.30 17.77 -1.06
C ALA A 166 2.50 18.88 -1.74
N ALA A 167 3.18 19.81 -2.42
CA ALA A 167 2.48 20.93 -3.04
C ALA A 167 1.63 20.47 -4.22
N LYS A 168 2.14 19.48 -4.97
CA LYS A 168 1.43 18.94 -6.12
C LYS A 168 0.03 18.44 -5.77
N ASP A 169 -0.18 17.93 -4.54
CA ASP A 169 -1.51 17.42 -4.20
C ASP A 169 -2.53 18.54 -4.27
N VAL A 170 -2.12 19.75 -3.88
CA VAL A 170 -3.03 20.88 -3.99
C VAL A 170 -3.29 21.22 -5.45
N ASP A 171 -2.23 21.17 -6.27
CA ASP A 171 -2.39 21.57 -7.66
C ASP A 171 -3.27 20.59 -8.44
N VAL A 172 -3.24 19.29 -8.12
CA VAL A 172 -4.15 18.37 -8.79
C VAL A 172 -5.58 18.60 -8.34
N LEU A 173 -5.79 18.94 -7.06
CA LEU A 173 -7.15 19.20 -6.58
C LEU A 173 -7.76 20.41 -7.26
N ARG A 174 -6.95 21.45 -7.50
CA ARG A 174 -7.44 22.62 -8.20
C ARG A 174 -7.89 22.27 -9.61
N GLU A 175 -7.16 21.37 -10.26
CA GLU A 175 -7.53 20.97 -11.62
C GLU A 175 -8.76 20.07 -11.62
N LEU A 176 -8.85 19.15 -10.66
CA LEU A 176 -9.94 18.19 -10.64
C LEU A 176 -11.26 18.84 -10.23
N PHE A 177 -11.22 19.79 -9.30
CA PHE A 177 -12.45 20.22 -8.62
C PHE A 177 -13.52 20.71 -9.59
N PRO A 178 -13.28 21.64 -10.52
CA PRO A 178 -14.38 22.09 -11.37
C PRO A 178 -14.93 20.99 -12.25
N LYS A 179 -14.09 20.07 -12.71
CA LYS A 179 -14.59 18.96 -13.52
C LYS A 179 -15.53 18.09 -12.70
N LEU A 180 -15.09 17.66 -11.52
CA LEU A 180 -15.92 16.81 -10.68
C LEU A 180 -17.18 17.53 -10.22
N ARG A 181 -17.06 18.81 -9.90
CA ARG A 181 -18.24 19.57 -9.49
C ARG A 181 -19.25 19.66 -10.62
N ASP A 182 -18.76 19.92 -11.84
CA ASP A 182 -19.65 20.05 -13.00
C ASP A 182 -20.28 18.71 -13.35
N MET A 183 -19.53 17.62 -13.23
CA MET A 183 -20.11 16.30 -13.48
C MET A 183 -21.15 15.94 -12.42
N LEU A 184 -20.88 16.29 -11.15
CA LEU A 184 -21.85 16.04 -10.08
C LEU A 184 -23.15 16.80 -10.32
N ASN A 185 -23.05 18.00 -10.88
CA ASN A 185 -24.24 18.81 -11.10
C ASN A 185 -25.13 18.25 -12.20
N GLU A 186 -24.70 17.18 -12.90
CA GLU A 186 -25.61 16.50 -13.81
C GLU A 186 -26.48 15.45 -13.10
N LEU A 187 -26.18 15.14 -11.83
CA LEU A 187 -26.95 14.17 -11.06
C LEU A 187 -28.19 14.85 -10.46
N GLU A 188 -29.16 15.11 -11.32
CA GLU A 188 -30.37 15.76 -10.89
C GLU A 188 -31.27 14.78 -10.15
N GLY A 189 -31.99 15.29 -9.17
CA GLY A 189 -32.93 14.48 -8.41
C GLY A 189 -34.34 15.03 -8.55
N GLU A 190 -35.32 14.13 -8.44
CA GLU A 190 -36.72 14.54 -8.42
C GLU A 190 -37.11 15.19 -7.09
N ARG A 191 -36.28 15.09 -6.06
CA ARG A 191 -36.49 15.74 -4.77
C ARG A 191 -35.21 16.44 -4.37
N GLY A 192 -35.30 17.30 -3.35
CA GLY A 192 -34.15 17.92 -2.75
C GLY A 192 -33.89 19.36 -3.12
N GLU A 193 -34.86 20.04 -3.76
CA GLU A 193 -34.68 21.45 -4.08
C GLU A 193 -34.44 22.28 -2.83
N GLU A 194 -34.95 21.83 -1.68
CA GLU A 194 -34.75 22.55 -0.42
C GLU A 194 -33.27 22.61 -0.02
N LEU A 195 -32.43 21.70 -0.51
CA LEU A 195 -31.02 21.68 -0.15
C LEU A 195 -30.19 22.69 -0.92
N LEU A 196 -30.73 23.31 -1.97
CA LEU A 196 -29.96 24.25 -2.76
C LEU A 196 -29.51 25.48 -1.99
N LYS A 197 -30.22 25.86 -0.92
CA LYS A 197 -29.80 27.02 -0.13
C LYS A 197 -28.79 26.71 0.98
N THR A 198 -28.49 25.44 1.25
CA THR A 198 -27.59 25.08 2.33
C THR A 198 -26.15 25.53 2.02
N ARG A 199 -25.34 25.63 3.08
CA ARG A 199 -24.00 26.18 2.90
C ARG A 199 -23.15 25.32 1.98
N THR A 200 -23.26 23.99 2.13
CA THR A 200 -22.48 23.10 1.28
C THR A 200 -22.79 23.34 -0.19
N ALA A 201 -24.05 23.56 -0.51
CA ALA A 201 -24.44 23.77 -1.91
C ALA A 201 -23.97 25.13 -2.42
N ARG A 202 -24.12 26.17 -1.58
CA ARG A 202 -23.76 27.51 -2.01
C ARG A 202 -22.25 27.70 -2.09
N ILE A 203 -21.51 27.17 -1.11
CA ILE A 203 -20.06 27.34 -1.08
C ILE A 203 -19.43 26.71 -2.32
N PHE A 204 -19.84 25.49 -2.65
CA PHE A 204 -19.18 24.74 -3.70
C PHE A 204 -19.91 24.83 -5.03
N GLY A 205 -20.98 25.61 -5.11
CA GLY A 205 -21.76 25.66 -6.34
C GLY A 205 -22.39 24.33 -6.70
N LEU A 206 -22.84 23.59 -5.70
CA LEU A 206 -23.39 22.25 -5.93
C LEU A 206 -24.90 22.35 -6.09
N LYS A 207 -25.44 21.69 -7.12
CA LYS A 207 -26.88 21.72 -7.38
C LYS A 207 -27.52 20.35 -7.34
N SER A 208 -26.75 19.28 -7.22
CA SER A 208 -27.27 17.93 -7.13
C SER A 208 -27.59 17.57 -5.68
N PRO A 209 -28.85 17.27 -5.35
CA PRO A 209 -29.16 16.95 -3.94
C PRO A 209 -28.35 15.81 -3.35
N VAL A 210 -28.15 14.70 -4.07
CA VAL A 210 -27.38 13.60 -3.50
C VAL A 210 -25.95 14.06 -3.22
N ALA A 211 -25.37 14.85 -4.12
CA ALA A 211 -24.00 15.35 -3.90
C ALA A 211 -23.95 16.26 -2.68
N ILE A 212 -24.92 17.17 -2.55
CA ILE A 212 -24.92 18.08 -1.41
C ILE A 212 -24.93 17.30 -0.10
N VAL A 213 -25.75 16.25 -0.04
CA VAL A 213 -25.86 15.43 1.17
C VAL A 213 -24.54 14.72 1.47
N GLU A 214 -23.98 14.01 0.48
CA GLU A 214 -22.79 13.21 0.76
C GLU A 214 -21.58 14.09 1.08
N MET A 215 -21.45 15.24 0.41
CA MET A 215 -20.35 16.15 0.75
C MET A 215 -20.49 16.67 2.18
N ALA A 216 -21.71 17.05 2.58
CA ALA A 216 -21.88 17.48 3.97
C ALA A 216 -21.72 16.32 4.94
N PHE A 217 -22.00 15.09 4.50
CA PHE A 217 -21.98 13.95 5.42
C PHE A 217 -20.58 13.51 5.78
N VAL A 218 -19.56 13.95 5.04
CA VAL A 218 -18.18 13.52 5.33
C VAL A 218 -17.83 13.80 6.79
N LYS A 219 -18.15 15.00 7.28
CA LYS A 219 -17.87 15.35 8.68
C LYS A 219 -18.61 14.44 9.66
N GLU A 220 -19.81 13.99 9.30
CA GLU A 220 -20.57 13.10 10.19
C GLU A 220 -19.89 11.73 10.30
N VAL A 221 -19.36 11.21 9.19
CA VAL A 221 -18.67 9.92 9.26
C VAL A 221 -17.41 10.06 10.11
N ALA A 222 -16.70 11.18 9.98
CA ALA A 222 -15.50 11.38 10.79
C ALA A 222 -15.84 11.41 12.27
N LYS A 223 -16.90 12.15 12.64
CA LYS A 223 -17.30 12.18 14.04
C LYS A 223 -17.76 10.80 14.51
N LEU A 224 -18.57 10.13 13.70
CA LEU A 224 -19.01 8.78 14.03
C LEU A 224 -17.84 7.85 14.30
N GLU A 225 -16.81 7.91 13.46
CA GLU A 225 -15.67 7.02 13.62
C GLU A 225 -14.91 7.31 14.91
N ARG A 226 -14.86 8.58 15.34
CA ARG A 226 -14.20 8.90 16.60
C ARG A 226 -15.08 8.63 17.81
N ASN A 227 -16.41 8.70 17.69
CA ASN A 227 -17.28 8.55 18.85
C ASN A 227 -17.20 7.14 19.42
N GLY A 228 -17.26 6.14 18.55
CA GLY A 228 -17.32 4.77 19.01
C GLY A 228 -18.68 4.41 19.56
N LEU A 229 -18.88 3.13 19.87
CA LEU A 229 -20.14 2.59 20.36
C LEU A 229 -19.86 1.95 21.72
N PRO A 230 -20.51 2.37 22.80
CA PRO A 230 -20.15 1.86 24.13
C PRO A 230 -20.75 0.50 24.41
N VAL A 231 -20.00 -0.32 25.17
CA VAL A 231 -20.37 -1.69 25.45
C VAL A 231 -20.34 -1.93 26.97
N ASP A 232 -21.33 -2.66 27.46
CA ASP A 232 -21.38 -3.11 28.85
C ASP A 232 -20.69 -4.47 28.89
N ILE A 233 -19.41 -4.47 29.30
CA ILE A 233 -18.60 -5.68 29.20
C ILE A 233 -19.15 -6.79 30.10
N GLU A 234 -19.67 -6.42 31.27
CA GLU A 234 -20.20 -7.42 32.19
C GLU A 234 -21.39 -8.15 31.58
N THR A 235 -22.31 -7.41 30.94
CA THR A 235 -23.43 -8.05 30.25
C THR A 235 -22.95 -8.90 29.08
N LEU A 236 -21.94 -8.41 28.35
CA LEU A 236 -21.36 -9.21 27.27
C LEU A 236 -20.83 -10.53 27.80
N GLU A 237 -20.06 -10.49 28.89
CA GLU A 237 -19.41 -11.70 29.38
C GLU A 237 -20.44 -12.72 29.85
N SER A 238 -21.45 -12.28 30.59
CA SER A 238 -22.42 -13.24 31.13
C SER A 238 -23.34 -13.79 30.04
N THR A 239 -23.70 -12.97 29.05
CA THR A 239 -24.49 -13.50 27.93
C THR A 239 -23.66 -14.43 27.06
N LEU A 240 -22.36 -14.15 26.90
CA LEU A 240 -21.50 -15.06 26.16
C LEU A 240 -21.43 -16.41 26.86
N LYS A 241 -21.33 -16.39 28.19
CA LYS A 241 -21.44 -17.60 28.99
C LYS A 241 -22.68 -18.39 28.63
N ASP A 242 -23.82 -17.70 28.55
CA ASP A 242 -25.09 -18.37 28.26
C ASP A 242 -25.09 -19.01 26.87
N ILE A 243 -24.57 -18.29 25.87
CA ILE A 243 -24.52 -18.83 24.51
C ILE A 243 -23.65 -20.08 24.46
N GLU A 244 -22.47 -20.02 25.07
CA GLU A 244 -21.56 -21.15 25.09
C GLU A 244 -22.17 -22.30 25.87
N ARG A 245 -22.86 -21.96 26.97
CA ARG A 245 -23.53 -22.96 27.77
C ARG A 245 -24.62 -23.67 26.96
N LYS A 246 -25.42 -22.89 26.22
CA LYS A 246 -26.47 -23.46 25.38
C LYS A 246 -25.89 -24.22 24.20
N THR A 247 -24.79 -23.73 23.62
CA THR A 247 -24.15 -24.41 22.52
C THR A 247 -23.59 -25.77 22.95
N GLN A 248 -22.92 -25.82 24.11
CA GLN A 248 -22.40 -27.08 24.63
C GLN A 248 -23.53 -28.09 24.83
N LYS A 249 -24.70 -27.63 25.25
CA LYS A 249 -25.82 -28.53 25.44
C LYS A 249 -26.32 -29.09 24.12
N LYS A 250 -26.42 -28.24 23.09
CA LYS A 250 -26.91 -28.70 21.79
C LYS A 250 -25.88 -29.62 21.12
N VAL A 251 -24.60 -29.31 21.26
CA VAL A 251 -23.57 -30.12 20.63
C VAL A 251 -23.59 -31.55 21.20
N GLN A 252 -23.66 -31.67 22.53
CA GLN A 252 -23.65 -33.02 23.08
C GLN A 252 -24.97 -33.75 22.81
N GLU A 253 -26.10 -33.04 22.77
CA GLU A 253 -27.33 -33.69 22.33
C GLU A 253 -27.17 -34.25 20.93
N PHE A 254 -26.49 -33.51 20.05
CA PHE A 254 -26.22 -34.00 18.70
C PHE A 254 -25.29 -35.21 18.73
N LEU A 255 -24.22 -35.13 19.54
CA LEU A 255 -23.30 -36.26 19.66
C LEU A 255 -24.03 -37.51 20.13
N ILE A 256 -24.88 -37.38 21.16
CA ILE A 256 -25.60 -38.54 21.66
C ILE A 256 -26.61 -39.05 20.64
N LYS A 257 -27.22 -38.14 19.90
CA LYS A 257 -28.26 -38.52 18.94
C LYS A 257 -27.67 -39.28 17.76
N PHE A 258 -26.58 -38.77 17.18
CA PHE A 258 -26.05 -39.28 15.92
C PHE A 258 -24.69 -39.94 16.04
N ARG A 259 -24.01 -39.85 17.19
CA ARG A 259 -22.64 -40.33 17.33
C ARG A 259 -21.76 -39.75 16.22
N VAL A 260 -21.94 -38.45 15.96
CA VAL A 260 -21.23 -37.74 14.92
C VAL A 260 -20.78 -36.39 15.49
N ASP A 261 -19.53 -36.03 15.26
CA ASP A 261 -19.03 -34.72 15.68
C ASP A 261 -19.66 -33.65 14.79
N PRO A 262 -20.52 -32.77 15.33
CA PRO A 262 -21.15 -31.76 14.46
C PRO A 262 -20.18 -30.75 13.87
N PHE A 263 -18.95 -30.69 14.39
CA PHE A 263 -17.94 -29.77 13.89
C PHE A 263 -16.95 -30.45 12.96
N SER A 264 -17.21 -31.69 12.58
CA SER A 264 -16.31 -32.43 11.70
C SER A 264 -16.94 -32.57 10.33
N PRO A 265 -16.43 -31.93 9.28
CA PRO A 265 -16.96 -32.14 7.93
C PRO A 265 -16.88 -33.60 7.49
N LYS A 266 -15.93 -34.36 8.03
CA LYS A 266 -15.84 -35.78 7.67
C LYS A 266 -17.11 -36.52 8.08
N GLN A 267 -17.41 -36.52 9.39
CA GLN A 267 -18.52 -37.32 9.89
C GLN A 267 -19.86 -36.75 9.47
N VAL A 268 -20.08 -35.45 9.68
CA VAL A 268 -21.33 -34.84 9.23
C VAL A 268 -21.45 -34.90 7.73
N GLY A 269 -20.32 -34.85 7.02
CA GLY A 269 -20.37 -34.81 5.57
C GLY A 269 -21.14 -35.91 4.92
N GLN A 270 -20.70 -37.17 5.03
CA GLN A 270 -21.42 -38.20 4.31
C GLN A 270 -22.42 -38.95 5.19
N LEU A 271 -22.47 -38.66 6.50
CA LEU A 271 -23.61 -39.13 7.29
C LEU A 271 -24.91 -38.59 6.71
N LEU A 272 -24.87 -37.35 6.21
CA LEU A 272 -26.07 -36.80 5.58
C LEU A 272 -26.36 -37.53 4.27
N THR A 273 -25.32 -38.03 3.60
CA THR A 273 -25.51 -38.79 2.36
C THR A 273 -25.77 -40.27 2.63
N SER A 274 -25.12 -40.87 3.63
CA SER A 274 -25.28 -42.30 3.92
C SER A 274 -26.57 -42.59 4.68
N LYS A 275 -26.70 -42.07 5.91
CA LYS A 275 -27.99 -42.21 6.60
C LYS A 275 -29.15 -41.60 5.84
N TYR A 276 -29.11 -40.29 5.63
CA TYR A 276 -30.28 -39.55 5.22
C TYR A 276 -30.39 -39.39 3.71
N LYS A 277 -29.46 -39.94 2.93
CA LYS A 277 -29.60 -40.04 1.47
C LYS A 277 -29.83 -38.66 0.84
N LEU A 278 -28.94 -37.73 1.16
CA LEU A 278 -29.04 -36.36 0.69
C LEU A 278 -27.99 -36.15 -0.39
N ASN A 279 -28.45 -35.74 -1.57
CA ASN A 279 -27.60 -35.56 -2.75
C ASN A 279 -26.84 -34.25 -2.62
N LEU A 280 -25.62 -34.31 -1.94
CA LEU A 280 -24.86 -33.09 -1.75
C LEU A 280 -23.67 -33.02 -2.72
N PRO A 281 -23.33 -31.80 -3.13
CA PRO A 281 -22.32 -31.61 -4.17
C PRO A 281 -20.89 -31.68 -3.66
N ARG A 282 -20.03 -31.44 -4.65
CA ARG A 282 -18.61 -31.29 -4.66
C ARG A 282 -18.33 -29.86 -4.27
N THR A 283 -17.17 -29.60 -3.69
CA THR A 283 -16.49 -28.45 -4.24
C THR A 283 -15.07 -28.94 -4.43
N GLN A 284 -14.61 -29.63 -3.38
CA GLN A 284 -13.29 -30.12 -3.10
C GLN A 284 -13.10 -31.36 -3.97
N LYS A 285 -11.89 -31.93 -3.99
CA LYS A 285 -11.80 -33.29 -4.52
C LYS A 285 -11.55 -34.31 -3.40
N GLY A 286 -12.06 -34.04 -2.21
CA GLY A 286 -12.19 -35.06 -1.18
C GLY A 286 -13.63 -34.92 -0.73
N ASN A 287 -13.90 -33.72 -0.21
CA ASN A 287 -15.16 -33.03 -0.45
C ASN A 287 -16.32 -33.39 0.46
N VAL A 288 -17.43 -33.77 -0.18
CA VAL A 288 -18.81 -33.51 0.22
C VAL A 288 -18.95 -32.15 0.91
N SER A 289 -19.89 -31.34 0.42
CA SER A 289 -20.06 -29.97 0.87
C SER A 289 -21.20 -29.89 1.88
N THR A 290 -20.94 -29.25 3.01
CA THR A 290 -21.95 -29.09 4.04
C THR A 290 -21.92 -27.68 4.60
N ASP A 291 -21.67 -26.68 3.74
CA ASP A 291 -21.72 -25.32 4.22
C ASP A 291 -23.17 -24.86 4.33
N ASP A 292 -23.36 -23.65 4.88
CA ASP A 292 -24.69 -23.16 5.22
C ASP A 292 -25.59 -23.05 4.00
N LYS A 293 -25.02 -22.76 2.84
CA LYS A 293 -25.83 -22.50 1.66
C LYS A 293 -26.54 -23.78 1.19
N VAL A 294 -25.80 -24.88 1.08
CA VAL A 294 -26.41 -26.14 0.65
C VAL A 294 -27.42 -26.64 1.69
N LEU A 295 -27.07 -26.58 2.96
CA LEU A 295 -27.91 -27.13 4.01
C LEU A 295 -29.25 -26.39 4.15
N SER A 296 -29.34 -25.16 3.64
CA SER A 296 -30.59 -24.42 3.77
C SER A 296 -31.74 -25.10 3.06
N SER A 297 -31.45 -25.89 2.01
CA SER A 297 -32.49 -26.59 1.28
C SER A 297 -33.03 -27.80 2.01
N TYR A 298 -32.39 -28.22 3.10
CA TYR A 298 -32.78 -29.42 3.83
C TYR A 298 -33.07 -29.12 5.30
N ALA A 299 -33.62 -27.93 5.59
CA ALA A 299 -33.94 -27.59 6.97
C ALA A 299 -35.02 -28.50 7.55
N HIS A 300 -35.66 -29.33 6.74
CA HIS A 300 -36.67 -30.27 7.19
C HIS A 300 -36.08 -31.60 7.65
N VAL A 301 -34.79 -31.82 7.42
CA VAL A 301 -34.12 -33.04 7.86
C VAL A 301 -33.54 -32.79 9.25
N GLU A 302 -33.84 -33.70 10.19
CA GLU A 302 -33.52 -33.43 11.59
C GLU A 302 -32.05 -33.13 11.83
N PRO A 303 -31.08 -33.96 11.40
CA PRO A 303 -29.67 -33.59 11.63
C PRO A 303 -29.30 -32.23 11.05
N VAL A 304 -29.86 -31.88 9.89
CA VAL A 304 -29.56 -30.58 9.29
C VAL A 304 -30.09 -29.44 10.14
N ARG A 305 -31.38 -29.52 10.54
CA ARG A 305 -31.93 -28.49 11.39
C ARG A 305 -31.12 -28.32 12.67
N LEU A 306 -30.66 -29.44 13.25
CA LEU A 306 -29.88 -29.36 14.47
C LEU A 306 -28.51 -28.76 14.20
N LEU A 307 -27.90 -29.14 13.08
CA LEU A 307 -26.62 -28.54 12.67
C LEU A 307 -26.74 -27.03 12.54
N LEU A 308 -27.78 -26.55 11.85
CA LEU A 308 -27.93 -25.13 11.61
C LEU A 308 -28.14 -24.37 12.92
N GLU A 309 -28.87 -24.97 13.85
CA GLU A 309 -29.07 -24.35 15.15
C GLU A 309 -27.75 -24.19 15.90
N ILE A 310 -26.87 -25.20 15.80
CA ILE A 310 -25.57 -25.11 16.46
C ILE A 310 -24.74 -24.02 15.81
N ARG A 311 -24.71 -23.96 14.47
CA ARG A 311 -23.89 -22.98 13.78
C ARG A 311 -24.36 -21.56 14.08
N LYS A 312 -25.68 -21.37 14.20
CA LYS A 312 -26.18 -20.04 14.54
C LYS A 312 -25.72 -19.63 15.92
N LEU A 313 -25.77 -20.56 16.89
CA LEU A 313 -25.26 -20.24 18.22
C LEU A 313 -23.77 -19.94 18.17
N LYS A 314 -23.03 -20.62 17.29
CA LYS A 314 -21.59 -20.40 17.21
C LYS A 314 -21.25 -19.06 16.59
N LYS A 315 -21.97 -18.67 15.53
CA LYS A 315 -21.79 -17.35 14.95
C LYS A 315 -21.99 -16.26 15.99
N LEU A 316 -23.03 -16.40 16.81
CA LEU A 316 -23.36 -15.39 17.80
C LEU A 316 -22.25 -15.27 18.85
N SER A 317 -21.80 -16.40 19.39
CA SER A 317 -20.74 -16.36 20.40
C SER A 317 -19.42 -15.89 19.78
N ASP A 318 -19.16 -16.29 18.53
CA ASP A 318 -18.01 -15.75 17.81
C ASP A 318 -18.10 -14.24 17.71
N LYS A 319 -19.29 -13.72 17.38
CA LYS A 319 -19.46 -12.28 17.28
C LYS A 319 -19.22 -11.60 18.63
N PHE A 320 -19.73 -12.18 19.72
CA PHE A 320 -19.50 -11.61 21.04
C PHE A 320 -18.02 -11.60 21.39
N LYS A 321 -17.31 -12.68 21.07
CA LYS A 321 -15.87 -12.71 21.31
C LYS A 321 -15.14 -11.69 20.45
N GLU A 322 -15.57 -11.54 19.19
CA GLU A 322 -14.97 -10.53 18.33
C GLU A 322 -15.21 -9.13 18.87
N ILE A 323 -16.41 -8.87 19.40
CA ILE A 323 -16.71 -7.56 19.97
C ILE A 323 -15.80 -7.29 21.17
N LYS A 324 -15.67 -8.27 22.06
CA LYS A 324 -14.82 -8.09 23.23
C LYS A 324 -13.37 -7.83 22.82
N GLU A 325 -12.90 -8.51 21.77
CA GLU A 325 -11.53 -8.39 21.32
C GLU A 325 -11.25 -7.06 20.63
N ASN A 326 -12.27 -6.34 20.21
CA ASN A 326 -12.10 -5.03 19.59
C ASN A 326 -12.39 -3.87 20.54
N LEU A 327 -12.66 -4.14 21.80
CA LEU A 327 -12.90 -3.08 22.76
C LEU A 327 -11.61 -2.30 23.03
N LYS A 328 -11.74 -0.98 23.11
CA LYS A 328 -10.72 -0.08 23.64
C LYS A 328 -11.37 0.63 24.82
N GLY A 329 -11.02 0.21 26.03
CA GLY A 329 -11.80 0.63 27.18
C GLY A 329 -13.19 0.03 27.09
N ASP A 330 -14.22 0.87 27.18
CA ASP A 330 -15.59 0.40 27.16
C ASP A 330 -16.31 0.72 25.85
N ARG A 331 -15.56 0.99 24.78
CA ARG A 331 -16.15 1.39 23.51
C ARG A 331 -15.53 0.61 22.35
N LEU A 332 -16.35 0.35 21.33
CA LEU A 332 -15.89 -0.16 20.05
C LEU A 332 -15.64 0.99 19.09
N TYR A 333 -14.62 0.87 18.25
CA TYR A 333 -14.32 1.91 17.26
C TYR A 333 -14.18 1.28 15.87
N PRO A 334 -15.29 0.90 15.27
CA PRO A 334 -15.22 0.33 13.91
C PRO A 334 -14.87 1.39 12.89
N GLU A 335 -14.25 0.93 11.81
CA GLU A 335 -14.00 1.78 10.65
C GLU A 335 -15.23 1.82 9.77
N PHE A 336 -15.52 2.98 9.21
CA PHE A 336 -16.72 3.19 8.40
C PHE A 336 -16.33 3.55 6.98
N LYS A 337 -16.99 2.92 6.01
CA LYS A 337 -17.01 3.37 4.63
C LYS A 337 -18.27 4.21 4.43
N GLN A 338 -18.10 5.50 4.12
CA GLN A 338 -19.26 6.37 3.92
C GLN A 338 -20.21 5.84 2.86
N ILE A 339 -19.66 5.33 1.76
CA ILE A 339 -20.44 4.74 0.69
C ILE A 339 -19.98 3.29 0.57
N GLY A 340 -20.67 2.39 1.28
CA GLY A 340 -20.25 1.00 1.34
C GLY A 340 -20.81 0.18 0.20
N ALA A 341 -21.84 0.70 -0.47
CA ALA A 341 -22.43 0.06 -1.64
C ALA A 341 -23.02 1.18 -2.50
N VAL A 342 -23.40 0.83 -3.73
CA VAL A 342 -23.89 1.85 -4.64
C VAL A 342 -25.20 2.48 -4.15
N THR A 343 -25.93 1.79 -3.27
CA THR A 343 -27.12 2.37 -2.67
C THR A 343 -26.82 3.52 -1.72
N GLY A 344 -25.56 3.76 -1.39
CA GLY A 344 -25.27 4.78 -0.41
C GLY A 344 -25.34 4.32 1.02
N ARG A 345 -25.63 3.05 1.28
CA ARG A 345 -25.54 2.54 2.64
C ARG A 345 -24.08 2.52 3.08
N MET A 346 -23.84 2.93 4.32
CA MET A 346 -22.51 2.78 4.89
C MET A 346 -22.21 1.32 5.18
N SER A 347 -20.92 1.01 5.33
CA SER A 347 -20.53 -0.26 5.93
C SER A 347 -19.54 0.00 7.06
N SER A 348 -19.51 -0.93 8.01
CA SER A 348 -18.61 -0.89 9.14
C SER A 348 -17.93 -2.23 9.24
N LEU A 349 -16.69 -2.20 9.63
CA LEU A 349 -15.84 -3.37 9.74
C LEU A 349 -15.17 -3.22 11.10
N LYS A 350 -14.24 -4.04 11.42
CA LYS A 350 -13.45 -3.80 12.65
C LYS A 350 -14.09 -3.59 14.02
N PRO A 351 -15.14 -4.22 14.47
CA PRO A 351 -16.04 -5.27 14.00
C PRO A 351 -17.25 -4.65 13.33
N ASN A 352 -17.97 -5.49 12.61
CA ASN A 352 -19.32 -5.16 12.17
C ASN A 352 -20.29 -5.64 13.23
N VAL A 353 -21.09 -4.72 13.78
CA VAL A 353 -22.12 -5.07 14.75
C VAL A 353 -23.51 -5.03 14.15
N GLN A 354 -23.66 -4.70 12.86
CA GLN A 354 -25.00 -4.63 12.28
C GLN A 354 -25.66 -6.00 12.19
N ASN A 355 -24.90 -7.08 12.31
CA ASN A 355 -25.44 -8.43 12.27
C ASN A 355 -25.81 -8.96 13.65
N VAL A 356 -25.54 -8.22 14.71
CA VAL A 356 -26.01 -8.66 16.02
C VAL A 356 -27.54 -8.64 16.04
N PRO A 357 -28.19 -9.75 16.40
CA PRO A 357 -29.65 -9.73 16.47
C PRO A 357 -30.16 -8.64 17.40
N ARG A 358 -31.29 -8.04 17.03
CA ARG A 358 -31.88 -6.95 17.80
C ARG A 358 -32.05 -7.33 19.26
N GLU A 359 -32.50 -8.55 19.52
CA GLU A 359 -32.74 -9.04 20.87
C GLU A 359 -31.46 -9.28 21.66
N GLU A 360 -30.29 -9.09 21.07
CA GLU A 360 -29.02 -9.23 21.78
C GLU A 360 -28.27 -7.90 21.89
N ARG A 361 -28.89 -6.80 21.48
CA ARG A 361 -28.23 -5.50 21.50
C ARG A 361 -28.19 -4.86 22.87
N ALA A 362 -28.66 -5.57 23.92
CA ALA A 362 -28.56 -5.04 25.27
C ALA A 362 -27.11 -4.86 25.71
N ILE A 363 -26.17 -5.54 25.04
CA ILE A 363 -24.76 -5.39 25.37
C ILE A 363 -24.25 -4.00 25.03
N PHE A 364 -24.98 -3.25 24.20
CA PHE A 364 -24.64 -1.87 23.89
C PHE A 364 -25.37 -0.93 24.84
N LYS A 365 -24.60 -0.20 25.65
CA LYS A 365 -25.15 0.60 26.74
C LYS A 365 -24.32 1.86 26.92
N ALA A 366 -24.98 3.01 27.00
CA ALA A 366 -24.29 4.27 27.20
C ALA A 366 -23.50 4.23 28.51
N PRO A 367 -22.40 4.97 28.60
CA PRO A 367 -21.67 5.08 29.87
C PRO A 367 -22.50 5.81 30.92
N GLU A 368 -22.08 5.63 32.18
CA GLU A 368 -22.84 6.14 33.32
C GLU A 368 -23.12 7.64 33.18
N GLY A 369 -24.38 8.01 33.41
CA GLY A 369 -24.81 9.38 33.21
C GLY A 369 -25.32 9.69 31.82
N ASN A 370 -25.05 8.83 30.85
CA ASN A 370 -25.52 9.06 29.50
C ASN A 370 -26.66 8.09 29.18
N THR A 371 -27.29 8.32 28.04
CA THR A 371 -28.32 7.43 27.55
C THR A 371 -28.37 7.54 26.03
N PHE A 372 -29.03 6.58 25.40
CA PHE A 372 -29.27 6.61 23.97
C PHE A 372 -30.62 7.25 23.68
N VAL A 373 -30.70 7.94 22.56
CA VAL A 373 -31.98 8.24 21.90
C VAL A 373 -32.01 7.39 20.63
N ILE A 374 -32.99 6.49 20.54
CA ILE A 374 -33.14 5.56 19.43
C ILE A 374 -34.38 5.97 18.65
N ALA A 375 -34.20 6.34 17.39
CA ALA A 375 -35.33 6.80 16.58
C ALA A 375 -35.35 6.09 15.24
N ASP A 376 -36.55 5.76 14.76
CA ASP A 376 -36.67 5.02 13.50
C ASP A 376 -37.81 5.58 12.67
N PHE A 377 -37.68 5.40 11.35
CA PHE A 377 -38.73 5.75 10.39
C PHE A 377 -39.64 4.54 10.22
N SER A 378 -40.92 4.69 10.58
CA SER A 378 -41.85 3.56 10.59
C SER A 378 -42.24 3.16 9.17
N GLN A 379 -42.06 1.88 8.84
CA GLN A 379 -42.46 1.30 7.55
C GLN A 379 -41.85 2.07 6.38
N ILE A 380 -40.68 2.68 6.59
CA ILE A 380 -40.16 3.65 5.64
C ILE A 380 -39.88 3.01 4.28
N GLU A 381 -39.41 1.76 4.27
CA GLU A 381 -39.15 1.09 3.01
C GLU A 381 -40.42 0.96 2.19
N LEU A 382 -41.52 0.63 2.86
CA LEU A 382 -42.81 0.51 2.18
C LEU A 382 -43.32 1.89 1.74
N ARG A 383 -43.14 2.89 2.61
CA ARG A 383 -43.58 4.24 2.27
C ARG A 383 -42.82 4.78 1.06
N ILE A 384 -41.51 4.56 1.02
CA ILE A 384 -40.71 5.01 -0.13
C ILE A 384 -41.13 4.27 -1.40
N ALA A 385 -41.26 2.95 -1.33
CA ALA A 385 -41.66 2.19 -2.51
C ALA A 385 -43.03 2.64 -3.03
N ALA A 386 -43.96 2.91 -2.12
CA ALA A 386 -45.30 3.33 -2.52
C ALA A 386 -45.25 4.64 -3.29
N GLU A 387 -44.44 5.60 -2.82
CA GLU A 387 -44.31 6.87 -3.54
C GLU A 387 -43.48 6.72 -4.80
N TYR A 388 -42.39 5.94 -4.73
CA TYR A 388 -41.51 5.79 -5.88
C TYR A 388 -42.26 5.27 -7.08
N VAL A 389 -43.14 4.29 -6.85
CA VAL A 389 -43.91 3.63 -7.91
C VAL A 389 -45.23 4.32 -8.17
N ASN A 390 -45.61 5.29 -7.35
CA ASN A 390 -46.89 5.98 -7.46
C ASN A 390 -48.03 4.98 -7.37
N GLU A 391 -47.98 4.15 -6.32
CA GLU A 391 -48.98 3.13 -6.05
C GLU A 391 -50.08 3.79 -5.25
N GLU A 392 -51.16 4.17 -5.92
CA GLU A 392 -52.12 5.07 -5.30
C GLU A 392 -53.01 4.36 -4.28
N LEU A 393 -53.17 3.05 -4.38
CA LEU A 393 -53.85 2.32 -3.32
C LEU A 393 -53.03 2.37 -2.03
N MET A 394 -51.70 2.29 -2.13
CA MET A 394 -50.93 2.30 -0.89
C MET A 394 -50.68 3.72 -0.41
N ILE A 395 -50.53 4.67 -1.32
CA ILE A 395 -50.42 6.08 -0.93
C ILE A 395 -51.65 6.51 -0.15
N ARG A 396 -52.84 6.16 -0.65
CA ARG A 396 -54.05 6.60 0.03
C ARG A 396 -54.21 5.90 1.37
N ALA A 397 -53.86 4.61 1.45
CA ALA A 397 -53.89 3.92 2.74
C ALA A 397 -52.95 4.58 3.74
N PHE A 398 -51.72 4.88 3.32
CA PHE A 398 -50.78 5.58 4.21
C PHE A 398 -51.31 6.96 4.59
N ARG A 399 -51.89 7.69 3.62
CA ARG A 399 -52.40 9.02 3.92
C ARG A 399 -53.59 8.94 4.87
N GLU A 400 -54.40 7.89 4.78
CA GLU A 400 -55.50 7.68 5.71
C GLU A 400 -55.05 7.17 7.08
N GLY A 401 -53.75 6.92 7.28
CA GLY A 401 -53.31 6.39 8.56
C GLY A 401 -53.63 4.94 8.80
N LYS A 402 -53.88 4.16 7.75
CA LYS A 402 -54.17 2.74 7.88
C LYS A 402 -52.91 1.96 8.21
N ASP A 403 -53.10 0.82 8.87
CA ASP A 403 -52.05 -0.17 9.08
C ASP A 403 -51.88 -0.93 7.76
N LEU A 404 -50.73 -0.76 7.09
CA LEU A 404 -50.60 -1.32 5.76
C LEU A 404 -50.51 -2.84 5.78
N HIS A 405 -49.94 -3.41 6.84
CA HIS A 405 -49.90 -4.87 6.94
C HIS A 405 -51.31 -5.43 7.13
N ARG A 406 -52.06 -4.83 8.03
CA ARG A 406 -53.47 -5.19 8.19
C ARG A 406 -54.24 -4.96 6.90
N TYR A 407 -53.93 -3.86 6.21
CA TYR A 407 -54.63 -3.57 4.95
C TYR A 407 -54.33 -4.64 3.91
N THR A 408 -53.05 -4.97 3.71
CA THR A 408 -52.69 -5.98 2.72
C THR A 408 -53.23 -7.35 3.13
N ALA A 409 -53.22 -7.66 4.43
CA ALA A 409 -53.79 -8.91 4.89
C ALA A 409 -55.24 -9.03 4.47
N SER A 410 -56.01 -7.95 4.60
CA SER A 410 -57.42 -7.99 4.23
C SER A 410 -57.58 -8.26 2.74
N LEU A 411 -56.73 -7.66 1.90
CA LEU A 411 -56.84 -7.85 0.45
C LEU A 411 -56.47 -9.27 0.02
N VAL A 412 -55.37 -9.83 0.55
CA VAL A 412 -54.91 -11.13 0.08
C VAL A 412 -55.60 -12.30 0.76
N LEU A 413 -56.33 -12.06 1.85
CA LEU A 413 -57.02 -13.14 2.55
C LEU A 413 -58.53 -13.09 2.39
N GLY A 414 -59.08 -12.03 1.79
CA GLY A 414 -60.52 -11.94 1.63
C GLY A 414 -61.33 -11.66 2.88
N LYS A 415 -60.70 -11.42 4.04
CA LYS A 415 -61.46 -10.96 5.20
C LYS A 415 -61.46 -9.44 5.31
N ARG A 416 -62.11 -8.92 6.35
CA ARG A 416 -62.11 -7.49 6.60
C ARG A 416 -60.98 -7.12 7.54
N GLU A 417 -60.62 -5.84 7.54
CA GLU A 417 -59.37 -5.41 8.18
C GLU A 417 -59.43 -5.65 9.68
N GLU A 418 -60.54 -5.29 10.32
CA GLU A 418 -60.66 -5.43 11.77
C GLU A 418 -60.68 -6.90 12.20
N GLU A 419 -60.92 -7.81 11.27
CA GLU A 419 -60.90 -9.24 11.57
C GLU A 419 -59.52 -9.88 11.46
N ILE A 420 -58.53 -9.16 10.91
CA ILE A 420 -57.20 -9.75 10.70
C ILE A 420 -56.57 -10.05 12.07
N THR A 421 -56.15 -11.30 12.25
CA THR A 421 -55.42 -11.64 13.46
C THR A 421 -54.00 -11.09 13.39
N LYS A 422 -53.32 -11.09 14.52
CA LYS A 422 -51.96 -10.58 14.50
C LYS A 422 -51.00 -11.57 13.87
N GLU A 423 -51.39 -12.84 13.76
CA GLU A 423 -50.61 -13.81 13.01
C GLU A 423 -50.76 -13.57 11.50
N GLU A 424 -51.99 -13.37 11.03
CA GLU A 424 -52.19 -13.01 9.64
C GLU A 424 -51.50 -11.70 9.29
N ARG A 425 -51.44 -10.75 10.25
CA ARG A 425 -50.74 -9.50 9.99
C ARG A 425 -49.25 -9.74 9.75
N GLN A 426 -48.64 -10.69 10.49
CA GLN A 426 -47.24 -11.05 10.27
C GLN A 426 -47.04 -11.65 8.89
N LEU A 427 -47.97 -12.50 8.45
CA LEU A 427 -47.90 -13.04 7.10
C LEU A 427 -47.93 -11.91 6.08
N ALA A 428 -48.79 -10.91 6.29
CA ALA A 428 -48.90 -9.81 5.34
C ALA A 428 -47.66 -8.93 5.34
N LYS A 429 -46.97 -8.82 6.48
CA LYS A 429 -45.68 -8.14 6.53
C LYS A 429 -44.70 -8.71 5.52
N ALA A 430 -44.56 -10.05 5.52
CA ALA A 430 -43.70 -10.71 4.54
C ALA A 430 -44.18 -10.48 3.12
N ILE A 431 -45.49 -10.51 2.91
CA ILE A 431 -46.04 -10.25 1.59
C ILE A 431 -45.68 -8.84 1.13
N ASN A 432 -45.90 -7.84 2.00
CA ASN A 432 -45.64 -6.45 1.65
C ASN A 432 -44.15 -6.21 1.34
N PHE A 433 -43.27 -6.63 2.26
CA PHE A 433 -41.85 -6.37 2.08
C PHE A 433 -41.24 -7.26 1.01
N GLY A 434 -41.87 -8.37 0.67
CA GLY A 434 -41.34 -9.21 -0.39
C GLY A 434 -41.83 -8.84 -1.78
N LEU A 435 -43.15 -8.66 -1.92
CA LEU A 435 -43.73 -8.50 -3.24
C LEU A 435 -43.53 -7.11 -3.83
N ILE A 436 -43.20 -6.09 -3.01
CA ILE A 436 -42.82 -4.82 -3.62
C ILE A 436 -41.57 -5.01 -4.48
N TYR A 437 -40.81 -6.07 -4.26
CA TYR A 437 -39.65 -6.39 -5.09
C TYR A 437 -39.95 -7.50 -6.09
N GLY A 438 -41.21 -7.89 -6.23
CA GLY A 438 -41.61 -8.81 -7.26
C GLY A 438 -41.06 -10.21 -7.13
N ILE A 439 -40.68 -10.63 -5.92
CA ILE A 439 -40.12 -11.97 -5.81
C ILE A 439 -41.17 -13.01 -6.20
N SER A 440 -40.68 -14.19 -6.59
CA SER A 440 -41.59 -15.24 -7.02
C SER A 440 -42.39 -15.77 -5.84
N ALA A 441 -43.37 -16.61 -6.16
CA ALA A 441 -44.16 -17.26 -5.12
C ALA A 441 -43.27 -18.14 -4.24
N LYS A 442 -42.37 -18.90 -4.86
CA LYS A 442 -41.39 -19.68 -4.10
C LYS A 442 -40.52 -18.77 -3.25
N GLY A 443 -40.04 -17.66 -3.82
CA GLY A 443 -39.26 -16.73 -3.04
C GLY A 443 -40.04 -16.11 -1.90
N LEU A 444 -41.33 -15.88 -2.09
CA LEU A 444 -42.16 -15.31 -1.02
C LEU A 444 -42.31 -16.31 0.13
N ALA A 445 -42.59 -17.58 -0.19
CA ALA A 445 -42.69 -18.60 0.84
C ALA A 445 -41.38 -18.76 1.59
N GLU A 446 -40.27 -18.80 0.84
CA GLU A 446 -38.94 -18.80 1.45
C GLU A 446 -38.77 -17.64 2.41
N TYR A 447 -39.07 -16.43 1.94
CA TYR A 447 -38.82 -15.23 2.72
C TYR A 447 -39.74 -15.17 3.94
N ALA A 448 -41.00 -15.62 3.81
CA ALA A 448 -41.88 -15.68 4.97
C ALA A 448 -41.32 -16.60 6.05
N ARG A 449 -40.75 -17.73 5.64
CA ARG A 449 -40.22 -18.67 6.62
C ARG A 449 -38.98 -18.09 7.31
N THR A 450 -37.97 -17.69 6.53
CA THR A 450 -36.70 -17.28 7.14
C THR A 450 -36.77 -15.90 7.80
N GLY A 451 -37.55 -14.98 7.25
CA GLY A 451 -37.62 -13.64 7.80
C GLY A 451 -38.64 -13.48 8.90
N TYR A 452 -39.64 -14.36 8.97
CA TYR A 452 -40.74 -14.11 9.89
C TYR A 452 -41.25 -15.34 10.62
N GLY A 453 -40.67 -16.52 10.39
CA GLY A 453 -41.18 -17.71 11.03
C GLY A 453 -42.58 -18.09 10.58
N VAL A 454 -42.97 -17.68 9.38
CA VAL A 454 -44.30 -17.91 8.84
C VAL A 454 -44.21 -19.03 7.84
N GLU A 455 -45.10 -20.03 7.95
CA GLU A 455 -45.10 -21.18 7.07
C GLU A 455 -46.30 -21.11 6.12
N ILE A 456 -46.04 -20.94 4.82
CA ILE A 456 -47.06 -21.04 3.79
C ILE A 456 -46.54 -21.90 2.65
N SER A 457 -47.46 -22.57 1.95
CA SER A 457 -47.05 -23.36 0.81
C SER A 457 -46.81 -22.47 -0.40
N GLU A 458 -46.09 -23.01 -1.39
CA GLU A 458 -45.92 -22.30 -2.64
C GLU A 458 -47.26 -21.98 -3.29
N GLU A 459 -48.23 -22.89 -3.17
CA GLU A 459 -49.55 -22.66 -3.74
C GLU A 459 -50.25 -21.49 -3.07
N GLU A 460 -50.20 -21.43 -1.73
CA GLU A 460 -50.77 -20.29 -1.01
C GLU A 460 -50.07 -19.00 -1.38
N ALA A 461 -48.73 -19.05 -1.53
CA ALA A 461 -47.98 -17.85 -1.89
C ALA A 461 -48.39 -17.34 -3.27
N GLU A 462 -48.70 -18.26 -4.20
CA GLU A 462 -49.15 -17.85 -5.53
C GLU A 462 -50.49 -17.12 -5.44
N THR A 463 -51.41 -17.66 -4.66
CA THR A 463 -52.70 -17.02 -4.44
C THR A 463 -52.52 -15.63 -3.83
N PHE A 464 -51.66 -15.51 -2.82
CA PHE A 464 -51.42 -14.20 -2.21
C PHE A 464 -50.79 -13.25 -3.22
N ARG A 465 -49.84 -13.76 -4.00
CA ARG A 465 -49.18 -12.96 -5.03
C ARG A 465 -50.17 -12.43 -6.05
N ASN A 466 -51.10 -13.27 -6.51
CA ASN A 466 -52.09 -12.84 -7.49
C ASN A 466 -52.98 -11.75 -6.91
N ARG A 467 -53.49 -11.96 -5.70
CA ARG A 467 -54.33 -10.94 -5.07
C ARG A 467 -53.56 -9.66 -4.81
N PHE A 468 -52.27 -9.76 -4.49
CA PHE A 468 -51.47 -8.56 -4.21
C PHE A 468 -51.37 -7.68 -5.44
N PHE A 469 -50.93 -8.26 -6.57
CA PHE A 469 -50.70 -7.46 -7.77
C PHE A 469 -51.99 -7.09 -8.48
N LYS A 470 -53.07 -7.86 -8.29
CA LYS A 470 -54.37 -7.46 -8.79
C LYS A 470 -54.79 -6.13 -8.18
N ASN A 471 -54.47 -5.90 -6.91
CA ASN A 471 -54.80 -4.66 -6.24
C ASN A 471 -53.74 -3.58 -6.44
N PHE A 472 -52.47 -3.94 -6.29
CA PHE A 472 -51.39 -2.96 -6.38
C PHE A 472 -50.79 -3.00 -7.79
N LYS A 473 -51.57 -2.45 -8.71
CA LYS A 473 -51.22 -2.53 -10.13
C LYS A 473 -49.93 -1.79 -10.43
N ALA A 474 -49.68 -0.65 -9.76
CA ALA A 474 -48.52 0.14 -10.12
C ALA A 474 -47.21 -0.61 -9.89
N PHE A 475 -47.18 -1.49 -8.88
CA PHE A 475 -45.97 -2.29 -8.63
C PHE A 475 -45.78 -3.31 -9.73
N LYS A 476 -46.87 -3.96 -10.15
CA LYS A 476 -46.78 -4.91 -11.26
C LYS A 476 -46.30 -4.22 -12.52
N LEU A 477 -46.86 -3.04 -12.83
CA LEU A 477 -46.43 -2.29 -13.99
C LEU A 477 -44.95 -1.93 -13.88
N TRP A 478 -44.51 -1.53 -12.69
CA TRP A 478 -43.10 -1.19 -12.48
C TRP A 478 -42.19 -2.39 -12.71
N HIS A 479 -42.56 -3.54 -12.14
CA HIS A 479 -41.72 -4.73 -12.31
C HIS A 479 -41.62 -5.12 -13.77
N GLU A 480 -42.69 -4.92 -14.53
CA GLU A 480 -42.68 -5.27 -15.94
C GLU A 480 -41.82 -4.32 -16.74
N LYS A 481 -42.01 -3.01 -16.56
CA LYS A 481 -41.07 -2.01 -17.06
C LYS A 481 -39.61 -2.42 -16.82
N VAL A 482 -39.27 -2.73 -15.58
CA VAL A 482 -37.88 -3.03 -15.23
C VAL A 482 -37.38 -4.26 -16.01
N LYS A 483 -38.16 -5.34 -16.01
CA LYS A 483 -37.76 -6.53 -16.74
C LYS A 483 -37.59 -6.23 -18.23
N LYS A 484 -38.49 -5.42 -18.79
CA LYS A 484 -38.39 -5.03 -20.19
C LYS A 484 -37.04 -4.39 -20.48
N GLU A 485 -36.66 -3.39 -19.69
CA GLU A 485 -35.40 -2.68 -19.90
C GLU A 485 -34.19 -3.60 -19.72
N LEU A 486 -34.23 -4.48 -18.72
CA LEU A 486 -33.10 -5.38 -18.50
C LEU A 486 -32.94 -6.36 -19.66
N LYS A 487 -34.06 -6.84 -20.20
CA LYS A 487 -34.01 -7.70 -21.37
C LYS A 487 -33.33 -7.00 -22.54
N GLU A 488 -33.74 -5.77 -22.83
CA GLU A 488 -33.25 -5.06 -24.02
C GLU A 488 -31.77 -4.69 -23.87
N LYS A 489 -31.44 -3.90 -22.86
CA LYS A 489 -30.11 -3.31 -22.74
C LYS A 489 -29.19 -4.06 -21.80
N GLY A 490 -29.69 -5.08 -21.09
CA GLY A 490 -28.87 -5.81 -20.13
C GLY A 490 -28.57 -5.07 -18.85
N VAL A 491 -28.89 -3.79 -18.77
CA VAL A 491 -28.69 -3.01 -17.55
C VAL A 491 -29.94 -2.19 -17.28
N PHE A 492 -30.12 -1.81 -16.02
CA PHE A 492 -31.11 -0.81 -15.67
C PHE A 492 -30.38 0.33 -14.97
N ARG A 493 -30.50 1.52 -15.54
CA ARG A 493 -29.87 2.70 -14.98
C ARG A 493 -30.99 3.57 -14.44
N GLY A 494 -31.03 3.72 -13.12
CA GLY A 494 -32.04 4.54 -12.48
C GLY A 494 -31.41 5.47 -11.47
N ARG A 495 -32.24 6.08 -10.63
CA ARG A 495 -31.78 7.04 -9.65
C ARG A 495 -32.68 6.97 -8.43
N THR A 496 -32.11 7.25 -7.27
CA THR A 496 -32.90 7.49 -6.07
C THR A 496 -33.61 8.85 -6.18
N LEU A 497 -34.49 9.13 -5.22
CA LEU A 497 -35.26 10.38 -5.30
C LEU A 497 -34.38 11.61 -5.20
N LEU A 498 -33.20 11.50 -4.62
CA LEU A 498 -32.26 12.61 -4.53
C LEU A 498 -31.30 12.69 -5.71
N GLY A 499 -31.35 11.74 -6.65
CA GLY A 499 -30.50 11.79 -7.81
C GLY A 499 -29.32 10.83 -7.77
N ARG A 500 -29.19 10.01 -6.74
CA ARG A 500 -28.12 9.02 -6.67
C ARG A 500 -28.31 7.99 -7.78
N ARG A 501 -27.31 7.87 -8.66
CA ARG A 501 -27.43 6.95 -9.78
C ARG A 501 -27.03 5.53 -9.40
N PHE A 502 -27.55 4.58 -10.15
CA PHE A 502 -27.14 3.19 -10.00
C PHE A 502 -27.31 2.51 -11.35
N THR A 503 -26.58 1.42 -11.53
CA THR A 503 -26.66 0.60 -12.73
C THR A 503 -26.83 -0.83 -12.26
N ALA A 504 -28.01 -1.39 -12.46
CA ALA A 504 -28.29 -2.75 -12.00
C ALA A 504 -28.26 -3.69 -13.19
N THR A 505 -27.79 -4.91 -12.96
CA THR A 505 -27.76 -5.93 -14.01
C THR A 505 -28.65 -7.12 -13.69
N THR A 506 -29.33 -7.12 -12.55
CA THR A 506 -30.32 -8.15 -12.26
C THR A 506 -31.61 -7.46 -11.88
N PHE A 507 -32.71 -8.20 -11.98
CA PHE A 507 -34.00 -7.63 -11.62
C PHE A 507 -34.04 -7.29 -10.12
N ASN A 508 -33.49 -8.15 -9.27
CA ASN A 508 -33.55 -7.89 -7.83
C ASN A 508 -32.77 -6.64 -7.45
N ASP A 509 -31.59 -6.43 -8.06
CA ASP A 509 -30.87 -5.18 -7.81
C ASP A 509 -31.64 -3.98 -8.35
N ALA A 510 -32.27 -4.12 -9.52
CA ALA A 510 -32.90 -2.97 -10.15
C ALA A 510 -34.10 -2.47 -9.35
N VAL A 511 -34.80 -3.35 -8.64
CA VAL A 511 -35.93 -2.87 -7.84
C VAL A 511 -35.50 -2.49 -6.43
N ASN A 512 -34.48 -3.17 -5.87
CA ASN A 512 -34.02 -2.84 -4.52
C ASN A 512 -33.24 -1.54 -4.48
N TYR A 513 -32.33 -1.32 -5.44
CA TYR A 513 -31.43 -0.16 -5.42
C TYR A 513 -32.13 1.19 -5.26
N PRO A 514 -33.20 1.51 -6.02
CA PRO A 514 -33.81 2.84 -5.84
C PRO A 514 -34.49 2.99 -4.49
N ILE A 515 -35.03 1.92 -3.92
CA ILE A 515 -35.72 2.04 -2.64
C ILE A 515 -34.71 2.13 -1.50
N GLN A 516 -33.77 1.17 -1.44
CA GLN A 516 -32.75 1.21 -0.40
C GLN A 516 -31.89 2.46 -0.54
N GLY A 517 -31.60 2.88 -1.77
CA GLY A 517 -30.79 4.07 -1.96
C GLY A 517 -31.51 5.33 -1.51
N THR A 518 -32.81 5.43 -1.78
CA THR A 518 -33.58 6.54 -1.26
C THR A 518 -33.62 6.50 0.26
N GLY A 519 -33.71 5.30 0.83
CA GLY A 519 -33.67 5.16 2.28
C GLY A 519 -32.34 5.60 2.86
N ALA A 520 -31.24 5.32 2.16
CA ALA A 520 -29.93 5.78 2.62
C ALA A 520 -29.83 7.30 2.52
N ASP A 521 -30.34 7.89 1.42
CA ASP A 521 -30.39 9.34 1.29
C ASP A 521 -31.13 9.98 2.45
N LEU A 522 -32.26 9.38 2.84
CA LEU A 522 -33.08 9.92 3.93
C LEU A 522 -32.34 9.88 5.26
N LEU A 523 -31.73 8.75 5.59
CA LEU A 523 -31.05 8.65 6.89
C LEU A 523 -29.91 9.66 6.99
N LYS A 524 -29.12 9.80 5.94
CA LYS A 524 -27.99 10.73 5.98
C LYS A 524 -28.50 12.16 6.05
N LEU A 525 -29.58 12.47 5.31
CA LEU A 525 -30.15 13.80 5.37
C LEU A 525 -30.68 14.11 6.77
N ALA A 526 -31.35 13.13 7.40
CA ALA A 526 -31.86 13.35 8.75
C ALA A 526 -30.74 13.66 9.72
N VAL A 527 -29.60 12.97 9.59
CA VAL A 527 -28.47 13.22 10.47
C VAL A 527 -27.97 14.64 10.30
N LEU A 528 -27.85 15.10 9.05
CA LEU A 528 -27.39 16.47 8.79
C LEU A 528 -28.33 17.49 9.40
N LEU A 529 -29.65 17.30 9.24
CA LEU A 529 -30.59 18.25 9.80
C LEU A 529 -30.56 18.20 11.33
N PHE A 530 -30.37 17.00 11.89
CA PHE A 530 -30.25 16.89 13.35
C PHE A 530 -29.05 17.69 13.84
N ASP A 531 -27.91 17.52 13.16
CA ASP A 531 -26.68 18.19 13.59
C ASP A 531 -26.84 19.71 13.56
N ALA A 532 -27.43 20.24 12.48
CA ALA A 532 -27.60 21.68 12.39
C ALA A 532 -28.54 22.19 13.48
N GLU A 533 -29.65 21.50 13.70
CA GLU A 533 -30.58 21.94 14.73
C GLU A 533 -30.01 21.73 16.13
N ALA A 534 -29.21 20.68 16.33
CA ALA A 534 -28.57 20.49 17.63
C ALA A 534 -27.58 21.60 17.92
N LYS A 535 -26.84 22.07 16.90
CA LYS A 535 -25.90 23.16 17.09
C LYS A 535 -26.63 24.46 17.42
N LYS A 536 -27.77 24.71 16.75
CA LYS A 536 -28.55 25.92 17.04
C LYS A 536 -28.98 25.94 18.50
N LYS A 537 -29.40 24.80 19.04
CA LYS A 537 -29.87 24.70 20.42
C LYS A 537 -28.74 24.43 21.41
N LYS A 538 -27.48 24.42 20.96
CA LYS A 538 -26.31 24.20 21.83
C LYS A 538 -26.43 22.87 22.58
N LEU A 539 -26.90 21.83 21.88
CA LEU A 539 -27.07 20.51 22.46
C LEU A 539 -25.87 19.63 22.13
N ASP A 540 -25.37 18.93 23.14
CA ASP A 540 -24.25 18.02 22.99
C ASP A 540 -24.77 16.60 22.82
N ALA A 541 -24.47 15.98 21.67
CA ALA A 541 -24.91 14.63 21.38
C ALA A 541 -23.98 14.01 20.35
N LYS A 542 -23.74 12.70 20.48
CA LYS A 542 -22.87 11.93 19.59
C LYS A 542 -23.71 10.94 18.79
N LEU A 543 -23.53 10.91 17.48
CA LEU A 543 -24.06 9.82 16.69
C LEU A 543 -23.25 8.56 16.97
N VAL A 544 -23.93 7.46 17.28
CA VAL A 544 -23.22 6.22 17.55
C VAL A 544 -23.64 5.08 16.64
N ASN A 545 -24.80 5.13 15.99
CA ASN A 545 -25.11 4.10 15.00
C ASN A 545 -26.15 4.63 14.03
N LEU A 546 -26.01 4.22 12.77
CA LEU A 546 -26.92 4.63 11.70
C LEU A 546 -27.07 3.46 10.75
N VAL A 547 -28.28 2.91 10.61
CA VAL A 547 -28.46 1.73 9.76
C VAL A 547 -29.93 1.61 9.41
N HIS A 548 -30.18 1.25 8.14
CA HIS A 548 -31.51 0.89 7.67
C HIS A 548 -32.50 2.02 7.86
N ASP A 549 -33.24 1.98 8.96
CA ASP A 549 -34.29 2.96 9.22
C ASP A 549 -34.11 3.67 10.56
N GLU A 550 -32.95 3.54 11.19
CA GLU A 550 -32.79 3.83 12.61
C GLU A 550 -31.55 4.67 12.89
N ILE A 551 -31.73 5.68 13.73
CA ILE A 551 -30.66 6.57 14.18
C ILE A 551 -30.52 6.39 15.69
N VAL A 552 -29.29 6.23 16.16
CA VAL A 552 -29.00 6.16 17.59
C VAL A 552 -28.00 7.24 17.93
N VAL A 553 -28.37 8.13 18.85
CA VAL A 553 -27.44 9.12 19.37
C VAL A 553 -27.29 8.93 20.87
N GLU A 554 -26.15 9.39 21.39
CA GLU A 554 -25.84 9.32 22.81
C GLU A 554 -25.70 10.73 23.38
N CYS A 555 -26.23 10.94 24.57
CA CYS A 555 -26.18 12.26 25.19
C CYS A 555 -26.37 12.11 26.70
N ARG A 556 -26.09 13.20 27.42
CA ARG A 556 -26.33 13.23 28.86
C ARG A 556 -27.82 13.05 29.14
N LYS A 557 -28.11 12.38 30.26
CA LYS A 557 -29.50 12.09 30.61
C LYS A 557 -30.32 13.36 30.72
N GLU A 558 -29.74 14.44 31.24
CA GLU A 558 -30.52 15.64 31.51
C GLU A 558 -30.90 16.43 30.25
N VAL A 559 -30.30 16.13 29.10
CA VAL A 559 -30.72 16.76 27.85
C VAL A 559 -31.39 15.76 26.91
N ALA A 560 -31.57 14.51 27.33
CA ALA A 560 -31.99 13.47 26.40
C ALA A 560 -33.36 13.78 25.82
N ASN A 561 -34.27 14.30 26.65
CA ASN A 561 -35.60 14.62 26.16
C ASN A 561 -35.55 15.70 25.09
N GLN A 562 -34.65 16.68 25.25
CA GLN A 562 -34.51 17.71 24.23
C GLN A 562 -33.88 17.14 22.96
N VAL A 563 -32.88 16.28 23.10
CA VAL A 563 -32.24 15.65 21.94
C VAL A 563 -33.26 14.82 21.17
N LYS A 564 -34.10 14.08 21.88
CA LYS A 564 -35.12 13.26 21.22
C LYS A 564 -36.05 14.13 20.38
N GLU A 565 -36.51 15.27 20.94
CA GLU A 565 -37.40 16.16 20.21
C GLU A 565 -36.70 16.77 18.99
N VAL A 566 -35.43 17.15 19.15
CA VAL A 566 -34.69 17.67 18.01
C VAL A 566 -34.51 16.58 16.96
N LEU A 567 -34.20 15.35 17.38
CA LEU A 567 -33.97 14.27 16.42
C LEU A 567 -35.24 13.97 15.63
N GLU A 568 -36.38 13.88 16.32
CA GLU A 568 -37.65 13.60 15.67
C GLU A 568 -38.01 14.67 14.66
N LYS A 569 -37.75 15.95 15.00
CA LYS A 569 -38.16 17.01 14.10
C LYS A 569 -37.22 17.11 12.90
N ALA A 570 -35.94 16.76 13.09
CA ALA A 570 -35.02 16.68 11.97
C ALA A 570 -35.39 15.53 11.05
N MET A 571 -35.83 14.41 11.65
CA MET A 571 -36.17 13.23 10.86
C MET A 571 -37.40 13.50 10.00
N LYS A 572 -38.43 14.12 10.58
CA LYS A 572 -39.64 14.46 9.84
C LYS A 572 -39.36 15.54 8.78
N GLN A 573 -38.46 16.47 9.10
CA GLN A 573 -38.03 17.43 8.10
C GLN A 573 -37.41 16.71 6.91
N ALA A 574 -36.55 15.74 7.17
CA ALA A 574 -35.95 14.97 6.08
C ALA A 574 -37.01 14.19 5.32
N GLY A 575 -37.97 13.60 6.04
CA GLY A 575 -39.03 12.85 5.38
C GLY A 575 -39.85 13.70 4.43
N LYS A 576 -40.14 14.94 4.85
CA LYS A 576 -40.96 15.83 4.02
C LYS A 576 -40.20 16.33 2.79
N ILE A 577 -38.88 16.37 2.86
CA ILE A 577 -38.11 16.69 1.67
C ILE A 577 -38.16 15.54 0.67
N ILE A 578 -38.09 14.30 1.15
CA ILE A 578 -37.97 13.14 0.26
C ILE A 578 -39.34 12.71 -0.27
N LEU A 579 -40.36 12.66 0.61
CA LEU A 579 -41.67 12.13 0.28
C LEU A 579 -42.70 13.25 0.29
N LYS A 580 -43.40 13.42 -0.84
CA LYS A 580 -44.37 14.51 -0.99
C LYS A 580 -45.82 14.04 -0.91
N LYS A 581 -46.09 12.77 -1.14
CA LYS A 581 -47.44 12.23 -1.04
C LYS A 581 -47.65 11.33 0.16
N VAL A 582 -46.64 10.54 0.54
CA VAL A 582 -46.78 9.63 1.67
C VAL A 582 -46.25 10.32 2.93
N PRO A 583 -47.05 10.39 4.00
CA PRO A 583 -46.53 10.93 5.26
C PRO A 583 -45.46 10.02 5.85
N VAL A 584 -44.50 10.64 6.51
CA VAL A 584 -43.40 9.91 7.14
C VAL A 584 -43.63 9.95 8.65
N GLU A 585 -43.71 8.77 9.25
CA GLU A 585 -43.90 8.65 10.69
C GLU A 585 -42.58 8.28 11.35
N VAL A 586 -42.39 8.80 12.57
CA VAL A 586 -41.17 8.61 13.33
C VAL A 586 -41.55 8.18 14.74
N GLU A 587 -40.87 7.17 15.25
CA GLU A 587 -40.98 6.75 16.64
C GLU A 587 -39.60 6.83 17.29
N SER A 588 -39.58 7.09 18.59
CA SER A 588 -38.32 7.19 19.30
C SER A 588 -38.52 6.85 20.76
N VAL A 589 -37.43 6.37 21.38
CA VAL A 589 -37.40 6.07 22.79
C VAL A 589 -36.08 6.57 23.37
N ILE A 590 -36.07 6.70 24.68
CA ILE A 590 -34.87 7.01 25.45
C ILE A 590 -34.56 5.77 26.26
N ASN A 591 -33.36 5.21 26.06
CA ASN A 591 -32.97 4.01 26.76
C ASN A 591 -31.47 3.99 26.93
N GLU A 592 -31.00 3.57 28.11
CA GLU A 592 -29.56 3.44 28.34
C GLU A 592 -28.94 2.41 27.41
N ARG A 593 -29.73 1.44 26.96
CA ARG A 593 -29.28 0.38 26.09
C ARG A 593 -29.93 0.51 24.73
N TRP A 594 -29.31 -0.14 23.74
CA TRP A 594 -29.79 -0.12 22.37
C TRP A 594 -30.93 -1.12 22.21
N ILE A 595 -32.07 -0.76 22.81
CA ILE A 595 -33.28 -1.56 22.83
C ILE A 595 -34.45 -0.61 22.62
N LYS A 596 -35.36 -0.95 21.71
CA LYS A 596 -36.54 -0.12 21.52
C LYS A 596 -37.68 -0.76 22.31
N ASP A 597 -37.80 -0.31 23.56
CA ASP A 597 -38.84 -0.74 24.50
C ASP A 597 -39.19 0.45 25.40
N MET B 24 -4.85 -15.84 23.80
CA MET B 24 -3.59 -15.26 24.26
C MET B 24 -2.45 -16.29 24.27
N THR B 25 -1.95 -16.64 23.09
CA THR B 25 -0.76 -17.48 22.97
C THR B 25 0.53 -16.64 23.07
N PHE B 26 0.43 -15.45 23.64
CA PHE B 26 1.55 -14.54 23.79
C PHE B 26 1.40 -13.80 25.11
N GLU B 27 2.53 -13.31 25.62
CA GLU B 27 2.54 -12.50 26.83
C GLU B 27 2.65 -11.03 26.47
N TYR B 28 1.78 -10.22 27.08
CA TYR B 28 1.75 -8.77 26.86
C TYR B 28 2.59 -8.11 27.94
N ILE B 29 3.69 -7.46 27.54
CA ILE B 29 4.65 -6.92 28.49
C ILE B 29 4.52 -5.40 28.51
N THR B 30 4.20 -4.86 29.68
CA THR B 30 3.89 -3.44 29.83
C THR B 30 4.65 -2.77 30.97
N GLY B 31 5.70 -3.40 31.49
CA GLY B 31 6.36 -2.82 32.65
C GLY B 31 7.83 -3.19 32.73
N LYS B 32 8.53 -2.43 33.57
CA LYS B 32 9.97 -2.59 33.72
C LYS B 32 10.33 -3.96 34.27
N THR B 33 9.72 -4.35 35.41
CA THR B 33 10.04 -5.65 35.98
C THR B 33 9.65 -6.76 35.02
N GLY B 34 8.49 -6.63 34.36
CA GLY B 34 8.12 -7.62 33.34
C GLY B 34 9.12 -7.70 32.20
N LEU B 35 9.57 -6.55 31.69
CA LEU B 35 10.55 -6.55 30.60
C LEU B 35 11.85 -7.21 31.03
N LYS B 36 12.39 -6.76 32.15
CA LYS B 36 13.61 -7.37 32.67
C LYS B 36 13.38 -8.84 32.93
N GLU B 37 12.17 -9.17 33.41
CA GLU B 37 11.84 -10.57 33.58
C GLU B 37 12.01 -11.33 32.27
N ILE B 38 11.28 -10.93 31.24
CA ILE B 38 11.27 -11.70 30.00
C ILE B 38 12.61 -11.62 29.27
N CYS B 39 13.32 -10.50 29.39
CA CYS B 39 14.60 -10.36 28.69
C CYS B 39 15.66 -11.28 29.27
N LYS B 40 15.91 -11.18 30.58
CA LYS B 40 16.82 -12.13 31.23
C LYS B 40 16.33 -13.55 31.05
N ARG B 41 15.03 -13.76 31.16
CA ARG B 41 14.46 -15.08 31.07
C ARG B 41 14.52 -15.58 29.61
N LEU B 42 14.73 -14.67 28.64
CA LEU B 42 15.06 -14.97 27.23
C LEU B 42 16.57 -14.93 26.90
N GLU B 43 17.45 -14.76 27.90
CA GLU B 43 18.85 -14.33 27.69
C GLU B 43 19.73 -15.27 26.87
N LYS B 44 19.69 -16.62 27.07
CA LYS B 44 19.73 -17.30 25.74
C LYS B 44 18.77 -18.47 25.57
N SER B 45 17.88 -18.12 24.68
CA SER B 45 17.44 -18.83 23.50
C SER B 45 18.47 -18.64 22.37
N PRO B 46 18.47 -19.51 21.35
CA PRO B 46 19.50 -19.37 20.30
C PRO B 46 19.39 -18.10 19.48
N TYR B 47 18.19 -17.54 19.32
CA TYR B 47 17.96 -16.34 18.52
C TYR B 47 16.54 -15.88 18.83
N LEU B 48 16.14 -14.78 18.21
CA LEU B 48 14.82 -14.19 18.42
C LEU B 48 14.13 -13.95 17.09
N TYR B 49 12.84 -14.27 17.03
CA TYR B 49 11.98 -13.75 15.98
C TYR B 49 11.53 -12.35 16.37
N LEU B 50 11.53 -11.42 15.40
CA LEU B 50 11.33 -10.02 15.73
C LEU B 50 10.44 -9.35 14.68
N ALA B 51 9.50 -8.54 15.17
CA ALA B 51 8.74 -7.63 14.35
C ALA B 51 8.46 -6.37 15.18
N THR B 52 7.97 -5.33 14.52
CA THR B 52 7.63 -4.09 15.22
C THR B 52 6.31 -3.54 14.70
N ALA B 53 5.65 -2.78 15.57
CA ALA B 53 4.52 -1.95 15.18
C ALA B 53 4.94 -0.51 15.47
N THR B 54 4.93 0.33 14.43
CA THR B 54 5.51 1.66 14.50
C THR B 54 4.44 2.72 14.30
N THR B 55 4.74 3.93 14.77
CA THR B 55 3.85 5.08 14.60
C THR B 55 4.76 6.29 14.43
N GLY B 56 4.73 6.90 13.25
CA GLY B 56 5.64 8.01 12.96
C GLY B 56 7.08 7.55 13.08
N ASN B 57 7.86 8.29 13.88
CA ASN B 57 9.25 7.99 14.17
C ASN B 57 9.43 6.87 15.19
N ARG B 58 8.38 6.49 15.91
CA ARG B 58 8.52 5.71 17.12
C ARG B 58 8.12 4.25 16.91
N ILE B 59 8.61 3.41 17.81
CA ILE B 59 8.12 2.04 17.95
C ILE B 59 7.06 2.03 19.05
N ARG B 60 5.88 1.51 18.73
CA ARG B 60 4.87 1.24 19.75
C ARG B 60 5.07 -0.15 20.35
N LEU B 61 5.18 -1.17 19.50
CA LEU B 61 5.33 -2.53 19.97
C LEU B 61 6.60 -3.14 19.40
N VAL B 62 7.35 -3.82 20.26
CA VAL B 62 8.38 -4.76 19.83
C VAL B 62 7.83 -6.15 20.10
N GLN B 63 7.75 -6.96 19.06
CA GLN B 63 7.29 -8.34 19.20
C GLN B 63 8.49 -9.26 19.10
N LEU B 64 8.67 -10.11 20.11
CA LEU B 64 9.78 -11.06 20.19
C LEU B 64 9.24 -12.46 20.42
N GLY B 65 10.00 -13.44 19.97
CA GLY B 65 9.66 -14.83 20.25
C GLY B 65 10.90 -15.70 20.24
N ASP B 66 10.88 -16.74 21.07
CA ASP B 66 11.80 -17.84 20.88
C ASP B 66 11.04 -18.98 20.21
N ASP B 67 11.43 -20.22 20.44
CA ASP B 67 10.81 -21.30 19.69
C ASP B 67 9.51 -21.81 20.31
N GLU B 68 9.10 -21.28 21.46
CA GLU B 68 7.87 -21.77 22.08
C GLU B 68 6.93 -20.65 22.54
N LYS B 69 7.47 -19.46 22.82
CA LYS B 69 6.65 -18.40 23.39
C LYS B 69 6.86 -17.08 22.67
N THR B 70 5.86 -16.21 22.79
CA THR B 70 5.77 -14.95 22.07
C THR B 70 5.52 -13.79 23.02
N TYR B 71 6.21 -12.68 22.78
CA TYR B 71 6.08 -11.51 23.61
C TYR B 71 5.72 -10.30 22.77
N VAL B 72 4.78 -9.49 23.28
CA VAL B 72 4.42 -8.21 22.67
C VAL B 72 4.76 -7.14 23.69
N ILE B 73 5.78 -6.34 23.40
CA ILE B 73 6.32 -5.38 24.34
C ILE B 73 5.84 -3.99 23.98
N ASP B 74 5.11 -3.35 24.89
CA ASP B 74 4.49 -2.05 24.63
C ASP B 74 5.41 -0.96 25.13
N LEU B 75 6.13 -0.30 24.20
CA LEU B 75 7.09 0.71 24.61
C LEU B 75 6.45 1.97 25.18
N TYR B 76 5.14 2.17 24.94
CA TYR B 76 4.47 3.32 25.52
C TYR B 76 4.23 3.15 27.01
N GLU B 77 4.35 1.93 27.52
CA GLU B 77 4.11 1.65 28.93
C GLU B 77 5.40 1.38 29.71
N ILE B 78 6.57 1.47 29.08
CA ILE B 78 7.82 1.09 29.70
C ILE B 78 8.79 2.27 29.60
N HIS B 79 9.17 2.83 30.74
CA HIS B 79 10.04 4.00 30.75
C HIS B 79 11.51 3.66 30.53
N ASP B 80 11.93 2.43 30.80
CA ASP B 80 13.33 2.03 30.68
C ASP B 80 13.41 0.70 29.95
N ILE B 81 13.99 0.70 28.76
CA ILE B 81 14.06 -0.49 27.93
C ILE B 81 15.50 -0.99 27.81
N THR B 82 16.35 -0.66 28.79
CA THR B 82 17.74 -1.12 28.78
C THR B 82 17.86 -2.65 28.67
N PRO B 83 17.07 -3.47 29.37
CA PRO B 83 17.17 -4.92 29.14
C PRO B 83 16.87 -5.32 27.71
N LEU B 84 15.90 -4.65 27.07
CA LEU B 84 15.61 -4.94 25.67
C LEU B 84 16.79 -4.58 24.79
N ARG B 85 17.40 -3.41 25.03
CA ARG B 85 18.58 -3.02 24.26
C ARG B 85 19.70 -4.02 24.47
N GLU B 86 19.96 -4.39 25.73
CA GLU B 86 21.03 -5.33 26.02
C GLU B 86 20.75 -6.69 25.41
N LEU B 87 19.51 -7.18 25.51
CA LEU B 87 19.17 -8.50 25.00
C LEU B 87 19.38 -8.57 23.49
N ILE B 88 18.81 -7.63 22.75
CA ILE B 88 18.90 -7.66 21.30
C ILE B 88 20.33 -7.51 20.84
N SER B 89 21.13 -6.72 21.57
CA SER B 89 22.51 -6.48 21.18
C SER B 89 23.34 -7.77 21.20
N GLU B 90 22.89 -8.80 21.90
CA GLU B 90 23.60 -10.06 21.98
C GLU B 90 22.92 -11.18 21.20
N LYS B 91 21.96 -10.86 20.33
CA LYS B 91 21.16 -11.86 19.66
C LYS B 91 21.14 -11.65 18.16
N GLY B 92 21.13 -12.76 17.41
CA GLY B 92 20.69 -12.70 16.03
C GLY B 92 19.17 -12.66 15.97
N VAL B 93 18.64 -11.81 15.09
CA VAL B 93 17.19 -11.65 15.00
C VAL B 93 16.71 -12.10 13.62
N ILE B 94 15.49 -12.62 13.57
CA ILE B 94 14.87 -13.15 12.37
C ILE B 94 13.60 -12.34 12.12
N GLY B 95 13.49 -11.75 10.94
CA GLY B 95 12.33 -10.94 10.63
C GLY B 95 12.22 -10.80 9.13
N HIS B 96 11.20 -10.08 8.69
CA HIS B 96 10.92 -9.89 7.28
C HIS B 96 11.24 -8.45 6.90
N ASN B 97 12.12 -8.28 5.92
CA ASN B 97 12.55 -6.95 5.49
C ASN B 97 13.05 -6.14 6.68
N LEU B 98 14.10 -6.67 7.32
CA LEU B 98 14.57 -6.12 8.59
C LEU B 98 15.14 -4.72 8.45
N LYS B 99 15.45 -4.28 7.22
CA LYS B 99 16.03 -2.96 7.02
C LYS B 99 15.18 -1.90 7.74
N PHE B 100 13.87 -1.98 7.61
CA PHE B 100 13.01 -0.97 8.21
C PHE B 100 12.95 -1.10 9.71
N ASP B 101 12.92 -2.33 10.24
CA ASP B 101 13.00 -2.51 11.69
C ASP B 101 14.32 -1.98 12.22
N LEU B 102 15.42 -2.18 11.47
CA LEU B 102 16.72 -1.69 11.90
C LEU B 102 16.73 -0.16 12.04
N HIS B 103 16.05 0.53 11.11
CA HIS B 103 15.96 1.99 11.19
C HIS B 103 15.26 2.41 12.48
N TYR B 104 14.10 1.81 12.78
CA TYR B 104 13.36 2.20 13.98
C TYR B 104 14.11 1.81 15.25
N LEU B 105 14.80 0.67 15.22
CA LEU B 105 15.57 0.25 16.39
C LEU B 105 16.75 1.20 16.65
N MET B 106 17.38 1.71 15.58
CA MET B 106 18.47 2.65 15.79
C MET B 106 17.99 3.94 16.43
N ASN B 107 16.71 4.28 16.24
CA ASN B 107 16.12 5.41 16.95
C ASN B 107 16.14 5.22 18.45
N TYR B 108 16.29 4.00 18.92
CA TYR B 108 16.41 3.71 20.35
C TYR B 108 17.78 3.14 20.69
N GLN B 109 18.78 3.37 19.83
CA GLN B 109 20.14 2.90 20.05
C GLN B 109 20.17 1.38 20.25
N ILE B 110 19.39 0.67 19.45
CA ILE B 110 19.33 -0.79 19.48
C ILE B 110 19.80 -1.31 18.13
N GLU B 111 20.74 -2.26 18.16
CA GLU B 111 21.26 -2.90 16.95
C GLU B 111 21.45 -4.37 17.29
N PRO B 112 20.87 -5.27 16.50
CA PRO B 112 21.02 -6.71 16.79
C PRO B 112 22.43 -7.19 16.49
N LEU B 113 22.78 -8.30 17.14
CA LEU B 113 24.09 -8.90 16.91
C LEU B 113 24.21 -9.44 15.48
N ALA B 114 23.13 -10.04 14.96
CA ALA B 114 23.11 -10.61 13.63
C ALA B 114 21.68 -10.60 13.12
N THR B 115 21.53 -10.82 11.82
CA THR B 115 20.24 -10.67 11.17
C THR B 115 20.01 -11.80 10.18
N PHE B 116 18.80 -12.34 10.20
CA PHE B 116 18.30 -13.24 9.16
C PHE B 116 16.99 -12.67 8.64
N ASP B 117 16.94 -12.41 7.33
CA ASP B 117 15.85 -11.67 6.70
C ASP B 117 15.08 -12.62 5.79
N THR B 118 13.83 -12.92 6.13
CA THR B 118 13.06 -13.85 5.30
C THR B 118 12.77 -13.26 3.93
N MET B 119 12.72 -11.92 3.81
CA MET B 119 12.54 -11.33 2.49
C MET B 119 13.77 -11.54 1.61
N ILE B 120 14.96 -11.28 2.15
CA ILE B 120 16.18 -11.56 1.39
C ILE B 120 16.23 -13.04 1.01
N ALA B 121 15.83 -13.91 1.94
CA ALA B 121 15.75 -15.32 1.62
C ALA B 121 14.87 -15.54 0.40
N SER B 122 13.73 -14.85 0.34
CA SER B 122 12.82 -15.03 -0.78
C SER B 122 13.44 -14.55 -2.09
N PHE B 123 14.29 -13.52 -2.04
CA PHE B 123 15.01 -13.11 -3.24
C PHE B 123 15.97 -14.20 -3.69
N LEU B 124 16.75 -14.75 -2.75
CA LEU B 124 17.77 -15.74 -3.10
C LEU B 124 17.18 -17.03 -3.65
N LEU B 125 15.90 -17.31 -3.37
CA LEU B 125 15.24 -18.54 -3.78
C LEU B 125 14.41 -18.40 -5.06
N GLY B 126 14.28 -17.20 -5.61
CA GLY B 126 13.79 -17.04 -6.97
C GLY B 126 12.32 -16.80 -7.21
N TYR B 127 11.55 -16.46 -6.17
CA TYR B 127 10.21 -15.98 -6.43
C TYR B 127 10.26 -14.58 -7.06
N GLU B 128 9.20 -14.22 -7.79
CA GLU B 128 8.98 -12.84 -8.16
C GLU B 128 7.80 -12.17 -7.46
N ARG B 129 7.34 -12.73 -6.34
CA ARG B 129 6.70 -11.95 -5.28
C ARG B 129 7.38 -12.28 -3.95
N HIS B 130 7.61 -11.25 -3.11
CA HIS B 130 8.40 -11.44 -1.91
C HIS B 130 7.74 -10.94 -0.63
N SER B 131 6.46 -10.57 -0.67
CA SER B 131 5.77 -10.15 0.54
C SER B 131 5.67 -11.30 1.53
N LEU B 132 5.51 -10.95 2.80
CA LEU B 132 5.27 -11.96 3.83
C LEU B 132 4.01 -12.74 3.53
N ASN B 133 3.00 -12.08 2.95
CA ASN B 133 1.77 -12.78 2.57
C ASN B 133 2.06 -13.82 1.49
N HIS B 134 2.89 -13.48 0.51
CA HIS B 134 3.24 -14.44 -0.53
C HIS B 134 4.00 -15.64 0.04
N LEU B 135 4.84 -15.41 1.04
CA LEU B 135 5.65 -16.50 1.59
C LEU B 135 4.80 -17.51 2.36
N VAL B 136 3.88 -17.03 3.21
CA VAL B 136 3.01 -17.97 3.91
C VAL B 136 2.07 -18.66 2.93
N GLY B 137 1.56 -17.92 1.95
CA GLY B 137 0.70 -18.53 0.96
C GLY B 137 1.40 -19.65 0.20
N ASN B 138 2.70 -19.51 -0.04
CA ASN B 138 3.44 -20.46 -0.84
C ASN B 138 4.09 -21.57 -0.01
N LEU B 139 4.42 -21.31 1.25
CA LEU B 139 5.11 -22.28 2.08
C LEU B 139 4.30 -22.80 3.27
N LEU B 140 3.25 -22.10 3.68
CA LEU B 140 2.42 -22.56 4.78
C LEU B 140 0.98 -22.86 4.36
N GLY B 141 0.59 -22.51 3.14
CA GLY B 141 -0.68 -22.97 2.61
C GLY B 141 -1.92 -22.25 3.11
N TYR B 142 -1.82 -20.98 3.45
CA TYR B 142 -3.00 -20.20 3.82
C TYR B 142 -2.73 -18.73 3.56
N THR B 143 -3.80 -17.94 3.56
CA THR B 143 -3.72 -16.52 3.29
C THR B 143 -3.55 -15.78 4.60
N LEU B 144 -2.61 -14.83 4.62
CA LEU B 144 -2.33 -14.08 5.83
C LEU B 144 -3.40 -13.03 6.10
N ASP B 145 -3.78 -12.88 7.36
CA ASP B 145 -4.72 -11.82 7.69
C ASP B 145 -4.04 -10.44 7.54
N LYS B 146 -4.69 -9.54 6.81
CA LYS B 146 -4.42 -8.12 6.58
C LYS B 146 -5.58 -7.19 6.97
N SER B 147 -6.58 -7.69 7.70
CA SER B 147 -7.68 -6.85 8.15
C SER B 147 -7.22 -5.72 9.07
N TYR B 148 -6.14 -5.90 9.81
CA TYR B 148 -5.76 -4.92 10.80
C TYR B 148 -4.53 -4.12 10.38
N GLN B 149 -4.54 -2.88 10.84
CA GLN B 149 -3.54 -1.81 10.71
C GLN B 149 -3.08 -1.39 9.32
N LEU B 150 -3.68 -0.30 8.82
CA LEU B 150 -2.97 0.96 8.83
C LEU B 150 -3.58 1.84 9.89
N SER B 151 -4.05 1.22 10.98
CA SER B 151 -4.72 1.82 12.11
C SER B 151 -3.69 2.58 12.93
N ASP B 152 -4.17 3.29 13.94
CA ASP B 152 -3.28 4.11 14.73
C ASP B 152 -2.56 3.23 15.73
N TRP B 153 -1.32 2.86 15.42
CA TRP B 153 -0.47 2.27 16.45
C TRP B 153 0.01 3.31 17.44
N GLY B 154 -0.36 4.57 17.23
CA GLY B 154 -0.17 5.65 18.16
C GLY B 154 -1.40 5.97 19.01
N ALA B 155 -2.48 5.21 18.88
CA ALA B 155 -3.66 5.49 19.68
C ALA B 155 -3.36 5.20 21.16
N PRO B 156 -3.99 5.93 22.08
CA PRO B 156 -3.70 5.69 23.50
C PRO B 156 -3.96 4.26 23.94
N VAL B 157 -5.02 3.62 23.42
CA VAL B 157 -5.45 2.30 23.87
C VAL B 157 -5.51 1.39 22.65
N LEU B 158 -4.71 0.32 22.67
CA LEU B 158 -4.77 -0.73 21.67
C LEU B 158 -5.75 -1.80 22.09
N SER B 159 -6.45 -2.38 21.12
CA SER B 159 -7.38 -3.46 21.40
C SER B 159 -6.64 -4.80 21.43
N ASP B 160 -7.26 -5.79 22.08
CA ASP B 160 -6.70 -7.13 22.09
C ASP B 160 -6.56 -7.70 20.68
N ALA B 161 -7.48 -7.35 19.78
CA ALA B 161 -7.34 -7.80 18.40
C ALA B 161 -6.08 -7.23 17.75
N GLN B 162 -5.75 -5.97 18.04
CA GLN B 162 -4.51 -5.40 17.51
C GLN B 162 -3.29 -6.08 18.11
N LEU B 163 -3.27 -6.26 19.42
CA LEU B 163 -2.15 -6.95 20.05
C LEU B 163 -2.01 -8.36 19.49
N LYS B 164 -3.14 -9.04 19.25
CA LYS B 164 -3.11 -10.36 18.65
C LYS B 164 -2.54 -10.31 17.23
N TYR B 165 -2.98 -9.34 16.43
CA TYR B 165 -2.46 -9.19 15.07
C TYR B 165 -0.96 -9.00 15.07
N ALA B 166 -0.46 -8.17 15.99
CA ALA B 166 0.99 -8.03 16.15
C ALA B 166 1.64 -9.30 16.68
N ALA B 167 0.86 -10.15 17.40
CA ALA B 167 1.45 -11.22 18.17
C ALA B 167 2.19 -12.24 17.31
N LYS B 168 1.62 -12.66 16.17
CA LYS B 168 2.48 -13.49 15.35
C LYS B 168 2.44 -13.02 13.90
N ASP B 169 2.96 -11.82 13.71
CA ASP B 169 4.04 -11.70 12.74
C ASP B 169 5.23 -12.53 13.24
N VAL B 170 5.40 -12.61 14.57
CA VAL B 170 6.57 -13.26 15.17
C VAL B 170 6.51 -14.78 15.01
N ASP B 171 5.43 -15.42 15.44
CA ASP B 171 5.43 -16.87 15.33
C ASP B 171 5.23 -17.33 13.90
N VAL B 172 4.63 -16.49 13.05
CA VAL B 172 4.60 -16.79 11.62
C VAL B 172 6.02 -16.83 11.08
N LEU B 173 6.88 -15.95 11.58
CA LEU B 173 8.31 -16.03 11.26
C LEU B 173 8.92 -17.30 11.83
N ARG B 174 8.47 -17.72 13.03
CA ARG B 174 8.97 -18.96 13.63
C ARG B 174 8.65 -20.16 12.75
N GLU B 175 7.51 -20.13 12.08
CA GLU B 175 7.14 -21.22 11.18
C GLU B 175 7.94 -21.14 9.88
N LEU B 176 8.15 -19.92 9.37
CA LEU B 176 8.85 -19.78 8.09
C LEU B 176 10.34 -20.05 8.23
N PHE B 177 10.93 -19.67 9.36
CA PHE B 177 12.40 -19.64 9.45
C PHE B 177 13.05 -20.99 9.16
N PRO B 178 12.65 -22.10 9.79
CA PRO B 178 13.36 -23.36 9.47
C PRO B 178 13.19 -23.79 8.04
N LYS B 179 12.00 -23.57 7.46
CA LYS B 179 11.79 -23.98 6.08
C LYS B 179 12.69 -23.17 5.15
N LEU B 180 12.67 -21.83 5.30
CA LEU B 180 13.47 -20.97 4.43
C LEU B 180 14.97 -21.18 4.64
N ARG B 181 15.40 -21.42 5.88
CA ARG B 181 16.82 -21.66 6.12
C ARG B 181 17.29 -22.92 5.41
N ASP B 182 16.49 -23.99 5.43
CA ASP B 182 16.91 -25.24 4.81
C ASP B 182 17.01 -25.11 3.29
N MET B 183 16.08 -24.39 2.66
CA MET B 183 16.18 -24.17 1.22
C MET B 183 17.39 -23.32 0.87
N LEU B 184 17.71 -22.33 1.70
CA LEU B 184 18.91 -21.53 1.48
C LEU B 184 20.16 -22.39 1.58
N ASN B 185 20.19 -23.34 2.51
CA ASN B 185 21.36 -24.17 2.72
C ASN B 185 21.64 -25.13 1.57
N GLU B 186 20.74 -25.20 0.58
CA GLU B 186 21.01 -25.92 -0.64
C GLU B 186 21.74 -25.06 -1.66
N LEU B 187 21.91 -23.76 -1.39
CA LEU B 187 22.61 -22.85 -2.30
C LEU B 187 24.12 -22.98 -2.07
N GLU B 188 24.66 -24.10 -2.55
CA GLU B 188 26.08 -24.39 -2.38
C GLU B 188 26.93 -23.55 -3.33
N GLY B 189 28.10 -23.14 -2.85
CA GLY B 189 29.06 -22.40 -3.66
C GLY B 189 30.37 -23.13 -3.73
N GLU B 190 31.07 -22.95 -4.86
CA GLU B 190 32.42 -23.50 -4.98
C GLU B 190 33.44 -22.73 -4.15
N ARG B 191 33.07 -21.56 -3.64
CA ARG B 191 33.92 -20.78 -2.75
C ARG B 191 33.10 -20.39 -1.53
N GLY B 192 33.79 -19.90 -0.51
CA GLY B 192 33.14 -19.38 0.66
C GLY B 192 33.14 -20.27 1.87
N GLU B 193 33.95 -21.34 1.87
CA GLU B 193 34.06 -22.20 3.03
C GLU B 193 34.54 -21.43 4.26
N GLU B 194 35.26 -20.31 4.06
CA GLU B 194 35.71 -19.49 5.18
C GLU B 194 34.56 -18.82 5.91
N LEU B 195 33.43 -18.57 5.24
CA LEU B 195 32.26 -17.95 5.85
C LEU B 195 31.47 -18.93 6.68
N LEU B 196 31.79 -20.23 6.53
CA LEU B 196 31.15 -21.31 7.26
C LEU B 196 31.27 -21.12 8.76
N LYS B 197 32.27 -20.37 9.21
CA LYS B 197 32.37 -19.91 10.59
C LYS B 197 31.60 -18.60 10.70
N THR B 198 32.12 -17.61 11.44
CA THR B 198 31.47 -16.30 11.65
C THR B 198 30.09 -16.40 12.32
N ARG B 199 29.65 -15.31 12.95
CA ARG B 199 28.45 -15.37 13.78
C ARG B 199 27.20 -15.68 12.96
N THR B 200 27.08 -15.09 11.77
CA THR B 200 25.88 -15.30 10.95
C THR B 200 25.67 -16.77 10.64
N ALA B 201 26.75 -17.50 10.34
CA ALA B 201 26.59 -18.91 10.01
C ALA B 201 26.28 -19.75 11.25
N ARG B 202 27.00 -19.50 12.35
CA ARG B 202 26.81 -20.33 13.54
C ARG B 202 25.47 -20.04 14.20
N ILE B 203 25.08 -18.76 14.31
CA ILE B 203 23.84 -18.42 14.98
C ILE B 203 22.66 -19.03 14.27
N PHE B 204 22.61 -18.87 12.94
CA PHE B 204 21.44 -19.28 12.18
C PHE B 204 21.60 -20.64 11.51
N GLY B 205 22.71 -21.34 11.74
CA GLY B 205 22.92 -22.62 11.08
C GLY B 205 23.00 -22.53 9.57
N LEU B 206 23.61 -21.47 9.06
CA LEU B 206 23.66 -21.21 7.61
C LEU B 206 24.94 -21.78 7.01
N LYS B 207 24.78 -22.47 5.88
CA LYS B 207 25.91 -23.09 5.19
C LYS B 207 26.11 -22.57 3.78
N SER B 208 25.17 -21.82 3.24
CA SER B 208 25.33 -21.27 1.90
C SER B 208 26.11 -19.96 1.97
N PRO B 209 27.29 -19.88 1.34
CA PRO B 209 28.10 -18.64 1.44
C PRO B 209 27.36 -17.38 1.00
N VAL B 210 26.62 -17.42 -0.10
CA VAL B 210 25.89 -16.23 -0.52
C VAL B 210 24.83 -15.86 0.51
N ALA B 211 24.18 -16.86 1.10
CA ALA B 211 23.19 -16.58 2.15
C ALA B 211 23.84 -15.91 3.35
N ILE B 212 24.99 -16.44 3.77
CA ILE B 212 25.70 -15.86 4.91
C ILE B 212 26.02 -14.39 4.64
N VAL B 213 26.48 -14.11 3.42
CA VAL B 213 26.87 -12.76 3.04
C VAL B 213 25.65 -11.83 3.01
N GLU B 214 24.60 -12.24 2.30
CA GLU B 214 23.46 -11.33 2.14
C GLU B 214 22.72 -11.13 3.45
N MET B 215 22.61 -12.18 4.28
CA MET B 215 21.97 -12.04 5.58
C MET B 215 22.73 -11.06 6.46
N ALA B 216 24.07 -11.18 6.50
CA ALA B 216 24.85 -10.24 7.29
C ALA B 216 24.83 -8.85 6.68
N PHE B 217 24.69 -8.75 5.36
CA PHE B 217 24.76 -7.45 4.70
C PHE B 217 23.54 -6.58 4.99
N VAL B 218 22.46 -7.17 5.52
CA VAL B 218 21.26 -6.39 5.81
C VAL B 218 21.58 -5.22 6.73
N LYS B 219 22.38 -5.46 7.77
CA LYS B 219 22.77 -4.37 8.66
C LYS B 219 23.56 -3.31 7.90
N GLU B 220 24.35 -3.72 6.91
CA GLU B 220 25.16 -2.76 6.16
C GLU B 220 24.29 -1.85 5.30
N VAL B 221 23.27 -2.41 4.65
CA VAL B 221 22.39 -1.59 3.82
C VAL B 221 21.63 -0.58 4.68
N ALA B 222 21.19 -1.01 5.85
CA ALA B 222 20.46 -0.10 6.73
C ALA B 222 21.34 1.05 7.16
N LYS B 223 22.59 0.77 7.53
CA LYS B 223 23.52 1.83 7.90
C LYS B 223 23.81 2.74 6.71
N LEU B 224 24.06 2.14 5.54
CA LEU B 224 24.31 2.92 4.33
C LEU B 224 23.17 3.89 4.06
N GLU B 225 21.93 3.41 4.20
CA GLU B 225 20.77 4.25 3.94
C GLU B 225 20.64 5.39 4.94
N ARG B 226 21.07 5.18 6.19
CA ARG B 226 21.01 6.27 7.16
C ARG B 226 22.18 7.23 7.02
N ASN B 227 23.33 6.76 6.52
CA ASN B 227 24.53 7.59 6.49
C ASN B 227 24.38 8.74 5.50
N GLY B 228 23.89 8.45 4.29
CA GLY B 228 23.80 9.44 3.25
C GLY B 228 25.14 9.75 2.61
N LEU B 229 25.08 10.55 1.55
CA LEU B 229 26.23 10.95 0.75
C LEU B 229 26.36 12.47 0.78
N PRO B 230 27.48 13.03 1.22
CA PRO B 230 27.58 14.49 1.37
C PRO B 230 27.90 15.18 0.05
N VAL B 231 27.36 16.38 -0.08
CA VAL B 231 27.44 17.15 -1.33
C VAL B 231 27.97 18.54 -0.99
N ASP B 232 28.85 19.06 -1.86
CA ASP B 232 29.32 20.44 -1.79
C ASP B 232 28.37 21.29 -2.64
N ILE B 233 27.43 21.97 -1.97
CA ILE B 233 26.36 22.64 -2.69
C ILE B 233 26.89 23.77 -3.55
N GLU B 234 27.91 24.49 -3.08
CA GLU B 234 28.47 25.59 -3.87
C GLU B 234 29.10 25.08 -5.17
N THR B 235 29.89 24.01 -5.09
CA THR B 235 30.46 23.44 -6.30
C THR B 235 29.36 22.88 -7.21
N LEU B 236 28.35 22.23 -6.62
CA LEU B 236 27.21 21.78 -7.41
C LEU B 236 26.57 22.94 -8.16
N GLU B 237 26.31 24.05 -7.45
CA GLU B 237 25.65 25.18 -8.09
C GLU B 237 26.52 25.79 -9.18
N SER B 238 27.81 26.00 -8.90
CA SER B 238 28.64 26.66 -9.90
C SER B 238 28.86 25.75 -11.11
N THR B 239 29.03 24.45 -10.88
CA THR B 239 29.16 23.52 -12.01
C THR B 239 27.85 23.45 -12.80
N LEU B 240 26.72 23.55 -12.10
CA LEU B 240 25.43 23.59 -12.79
C LEU B 240 25.31 24.81 -13.71
N LYS B 241 25.71 25.99 -13.22
CA LYS B 241 25.79 27.16 -14.09
C LYS B 241 26.61 26.89 -15.35
N ASP B 242 27.79 26.27 -15.19
CA ASP B 242 28.64 26.01 -16.35
C ASP B 242 27.96 25.08 -17.36
N ILE B 243 27.33 24.00 -16.87
CA ILE B 243 26.65 23.08 -17.78
C ILE B 243 25.54 23.82 -18.51
N GLU B 244 24.78 24.65 -17.80
CA GLU B 244 23.66 25.36 -18.43
C GLU B 244 24.15 26.34 -19.49
N ARG B 245 25.23 27.07 -19.20
CA ARG B 245 25.79 27.99 -20.18
C ARG B 245 26.31 27.24 -21.40
N LYS B 246 26.98 26.11 -21.19
CA LYS B 246 27.47 25.34 -22.33
C LYS B 246 26.32 24.79 -23.15
N THR B 247 25.22 24.38 -22.49
CA THR B 247 24.06 23.88 -23.21
C THR B 247 23.42 24.98 -24.05
N GLN B 248 23.22 26.17 -23.46
CA GLN B 248 22.67 27.29 -24.22
C GLN B 248 23.53 27.62 -25.42
N LYS B 249 24.85 27.52 -25.28
CA LYS B 249 25.74 27.80 -26.40
C LYS B 249 25.58 26.75 -27.49
N LYS B 250 25.44 25.46 -27.12
CA LYS B 250 25.28 24.43 -28.14
C LYS B 250 23.90 24.53 -28.79
N VAL B 251 22.87 24.86 -28.01
CA VAL B 251 21.52 25.01 -28.54
C VAL B 251 21.49 26.16 -29.54
N GLN B 252 22.15 27.27 -29.19
CA GLN B 252 22.16 28.44 -30.07
C GLN B 252 22.88 28.14 -31.37
N GLU B 253 24.02 27.44 -31.30
CA GLU B 253 24.70 27.02 -32.52
C GLU B 253 23.83 26.11 -33.38
N PHE B 254 23.07 25.20 -32.73
CA PHE B 254 22.18 24.31 -33.47
C PHE B 254 21.05 25.09 -34.14
N LEU B 255 20.46 26.06 -33.42
CA LEU B 255 19.43 26.91 -34.00
C LEU B 255 19.96 27.65 -35.22
N ILE B 256 21.15 28.24 -35.10
CA ILE B 256 21.71 29.02 -36.20
C ILE B 256 22.07 28.11 -37.36
N LYS B 257 22.57 26.91 -37.07
CA LYS B 257 23.00 26.01 -38.13
C LYS B 257 21.80 25.50 -38.94
N PHE B 258 20.74 25.05 -38.27
CA PHE B 258 19.67 24.34 -38.94
C PHE B 258 18.33 25.05 -38.93
N ARG B 259 18.17 26.13 -38.16
CA ARG B 259 16.87 26.78 -37.99
C ARG B 259 15.82 25.77 -37.56
N VAL B 260 16.22 24.89 -36.64
CA VAL B 260 15.38 23.81 -36.12
C VAL B 260 15.57 23.78 -34.60
N ASP B 261 14.46 23.75 -33.88
CA ASP B 261 14.49 23.63 -32.42
C ASP B 261 14.92 22.22 -32.02
N PRO B 262 16.08 22.04 -31.39
CA PRO B 262 16.53 20.68 -31.06
C PRO B 262 15.66 19.96 -30.03
N PHE B 263 14.78 20.66 -29.32
CA PHE B 263 13.91 20.04 -28.33
C PHE B 263 12.51 19.77 -28.87
N SER B 264 12.30 19.91 -30.18
CA SER B 264 11.01 19.66 -30.79
C SER B 264 11.06 18.37 -31.59
N PRO B 265 10.37 17.31 -31.17
CA PRO B 265 10.37 16.07 -31.97
C PRO B 265 9.82 16.23 -33.38
N LYS B 266 8.87 17.14 -33.60
CA LYS B 266 8.36 17.35 -34.95
C LYS B 266 9.45 17.91 -35.86
N GLN B 267 10.04 19.04 -35.47
CA GLN B 267 11.03 19.71 -36.31
C GLN B 267 12.29 18.85 -36.49
N VAL B 268 12.80 18.28 -35.39
CA VAL B 268 13.94 17.38 -35.50
C VAL B 268 13.58 16.18 -36.37
N GLY B 269 12.33 15.74 -36.26
CA GLY B 269 11.85 14.65 -37.10
C GLY B 269 12.02 14.95 -38.58
N GLN B 270 11.58 16.14 -38.99
CA GLN B 270 11.55 16.45 -40.41
C GLN B 270 12.89 16.94 -40.92
N LEU B 271 13.76 17.45 -40.06
CA LEU B 271 15.13 17.73 -40.49
C LEU B 271 15.88 16.46 -40.83
N LEU B 272 15.75 15.42 -39.99
CA LEU B 272 16.52 14.20 -40.20
C LEU B 272 15.97 13.37 -41.35
N THR B 273 14.65 13.32 -41.52
CA THR B 273 14.11 12.50 -42.60
C THR B 273 14.03 13.24 -43.93
N SER B 274 13.59 14.49 -43.92
CA SER B 274 13.47 15.21 -45.19
C SER B 274 14.83 15.72 -45.67
N LYS B 275 15.45 16.62 -44.92
CA LYS B 275 16.71 17.21 -45.35
C LYS B 275 17.81 16.16 -45.45
N TYR B 276 18.05 15.42 -44.37
CA TYR B 276 19.19 14.51 -44.32
C TYR B 276 18.84 13.10 -44.79
N LYS B 277 17.58 12.85 -45.17
CA LYS B 277 17.17 11.61 -45.83
C LYS B 277 17.54 10.38 -45.01
N LEU B 278 17.12 10.38 -43.75
CA LEU B 278 17.41 9.29 -42.82
C LEU B 278 16.16 8.44 -42.62
N ASN B 279 16.27 7.15 -42.91
CA ASN B 279 15.16 6.21 -42.79
C ASN B 279 14.97 5.86 -41.32
N LEU B 280 14.23 6.69 -40.64
CA LEU B 280 14.01 6.50 -39.21
C LEU B 280 12.66 5.85 -38.97
N PRO B 281 12.51 5.05 -37.91
CA PRO B 281 11.25 4.34 -37.73
C PRO B 281 10.14 5.28 -37.30
N ARG B 282 8.91 4.88 -37.61
CA ARG B 282 7.69 5.61 -37.26
C ARG B 282 7.14 5.05 -35.95
N THR B 283 6.41 5.88 -35.21
CA THR B 283 5.74 5.41 -34.00
C THR B 283 4.26 5.78 -33.99
N GLN B 284 3.56 5.21 -33.01
CA GLN B 284 2.12 5.39 -32.74
C GLN B 284 1.25 5.40 -33.99
N LYS B 285 0.93 6.60 -34.49
CA LYS B 285 0.19 6.73 -35.74
C LYS B 285 1.12 7.12 -36.88
N GLY B 286 1.39 8.42 -37.02
CA GLY B 286 2.46 8.87 -37.90
C GLY B 286 3.43 9.88 -37.31
N ASN B 287 4.26 9.47 -36.36
CA ASN B 287 5.27 10.35 -35.78
C ASN B 287 6.64 9.71 -35.90
N VAL B 288 7.60 10.46 -36.47
CA VAL B 288 8.96 9.97 -36.63
C VAL B 288 9.65 9.93 -35.27
N SER B 289 10.34 8.84 -34.99
CA SER B 289 10.94 8.60 -33.69
C SER B 289 12.40 9.04 -33.74
N THR B 290 12.80 9.82 -32.74
CA THR B 290 14.15 10.35 -32.65
C THR B 290 14.68 10.17 -31.25
N ASP B 291 14.34 9.06 -30.61
CA ASP B 291 14.86 8.80 -29.29
C ASP B 291 16.33 8.43 -29.40
N ASP B 292 16.97 8.30 -28.24
CA ASP B 292 18.41 8.13 -28.22
C ASP B 292 18.82 6.92 -29.02
N LYS B 293 17.91 5.99 -29.26
CA LYS B 293 18.39 4.64 -29.30
C LYS B 293 18.68 4.46 -30.78
N VAL B 294 17.72 4.98 -31.57
CA VAL B 294 17.74 5.14 -33.02
C VAL B 294 18.85 6.11 -33.47
N LEU B 295 18.93 7.26 -32.81
CA LEU B 295 19.91 8.25 -33.23
C LEU B 295 21.33 7.75 -33.00
N SER B 296 21.50 6.77 -32.11
CA SER B 296 22.83 6.24 -31.83
C SER B 296 23.45 5.62 -33.07
N SER B 297 22.62 5.14 -34.01
CA SER B 297 23.10 4.56 -35.24
C SER B 297 23.57 5.60 -36.25
N TYR B 298 23.32 6.89 -36.01
CA TYR B 298 23.65 7.92 -36.98
C TYR B 298 24.57 9.00 -36.40
N ALA B 299 25.49 8.60 -35.51
CA ALA B 299 26.41 9.58 -34.94
C ALA B 299 27.33 10.20 -35.98
N HIS B 300 27.34 9.69 -37.21
CA HIS B 300 28.14 10.24 -38.29
C HIS B 300 27.44 11.36 -39.05
N VAL B 301 26.16 11.58 -38.81
CA VAL B 301 25.43 12.69 -39.42
C VAL B 301 25.52 13.89 -38.49
N GLU B 302 25.93 15.04 -39.05
CA GLU B 302 26.27 16.19 -38.21
C GLU B 302 25.13 16.64 -37.30
N PRO B 303 23.90 16.88 -37.77
CA PRO B 303 22.84 17.27 -36.81
C PRO B 303 22.66 16.25 -35.71
N VAL B 304 22.79 14.96 -36.02
CA VAL B 304 22.58 13.92 -35.01
C VAL B 304 23.66 14.01 -33.93
N ARG B 305 24.92 14.09 -34.35
CA ARG B 305 25.99 14.24 -33.37
C ARG B 305 25.76 15.45 -32.48
N LEU B 306 25.28 16.55 -33.06
CA LEU B 306 25.04 17.76 -32.29
C LEU B 306 23.82 17.61 -31.38
N LEU B 307 22.75 16.97 -31.87
CA LEU B 307 21.61 16.68 -31.00
C LEU B 307 22.03 15.84 -29.81
N LEU B 308 22.82 14.78 -30.06
CA LEU B 308 23.23 13.89 -28.97
C LEU B 308 24.08 14.64 -27.95
N GLU B 309 24.94 15.54 -28.41
CA GLU B 309 25.76 16.33 -27.50
C GLU B 309 24.88 17.22 -26.62
N ILE B 310 23.85 17.82 -27.21
CA ILE B 310 22.91 18.61 -26.42
C ILE B 310 22.17 17.73 -25.42
N ARG B 311 21.72 16.55 -25.86
CA ARG B 311 20.96 15.68 -24.96
C ARG B 311 21.82 15.21 -23.80
N LYS B 312 23.10 14.95 -24.05
CA LYS B 312 23.99 14.54 -22.98
C LYS B 312 24.17 15.68 -21.95
N LEU B 313 24.34 16.91 -22.41
CA LEU B 313 24.46 18.02 -21.46
C LEU B 313 23.16 18.20 -20.67
N LYS B 314 22.02 17.90 -21.30
CA LYS B 314 20.73 18.07 -20.66
C LYS B 314 20.50 17.01 -19.59
N LYS B 315 20.88 15.76 -19.86
CA LYS B 315 20.85 14.72 -18.84
C LYS B 315 21.68 15.14 -17.63
N LEU B 316 22.88 15.68 -17.87
CA LEU B 316 23.77 16.02 -16.76
C LEU B 316 23.18 17.12 -15.90
N SER B 317 22.71 18.21 -16.51
CA SER B 317 22.17 19.30 -15.72
C SER B 317 20.87 18.88 -15.02
N ASP B 318 20.06 18.06 -15.69
CA ASP B 318 18.88 17.48 -15.03
C ASP B 318 19.27 16.66 -13.81
N LYS B 319 20.33 15.86 -13.93
CA LYS B 319 20.78 15.06 -12.79
C LYS B 319 21.25 15.96 -11.65
N PHE B 320 21.97 17.03 -11.97
CA PHE B 320 22.43 17.95 -10.95
C PHE B 320 21.26 18.61 -10.23
N LYS B 321 20.25 19.04 -11.00
CA LYS B 321 19.08 19.64 -10.37
C LYS B 321 18.34 18.64 -9.50
N GLU B 322 18.23 17.40 -9.97
CA GLU B 322 17.62 16.35 -9.15
C GLU B 322 18.40 16.16 -7.84
N ILE B 323 19.72 16.23 -7.90
CA ILE B 323 20.52 16.10 -6.69
C ILE B 323 20.21 17.22 -5.71
N LYS B 324 20.20 18.46 -6.20
CA LYS B 324 19.95 19.59 -5.31
C LYS B 324 18.58 19.51 -4.66
N GLU B 325 17.56 19.13 -5.43
CA GLU B 325 16.24 19.09 -4.81
C GLU B 325 16.05 17.89 -3.90
N ASN B 326 16.95 16.91 -3.93
CA ASN B 326 16.86 15.79 -2.98
C ASN B 326 17.77 15.98 -1.77
N LEU B 327 18.46 17.12 -1.66
CA LEU B 327 19.32 17.37 -0.52
C LEU B 327 18.51 17.55 0.75
N LYS B 328 18.99 17.00 1.84
CA LYS B 328 18.50 17.33 3.17
C LYS B 328 19.69 17.89 3.94
N GLY B 329 19.75 19.20 4.11
CA GLY B 329 20.98 19.80 4.60
C GLY B 329 22.05 19.61 3.55
N ASP B 330 23.20 19.04 3.93
CA ASP B 330 24.31 18.86 2.98
C ASP B 330 24.50 17.41 2.56
N ARG B 331 23.49 16.55 2.74
CA ARG B 331 23.63 15.14 2.39
C ARG B 331 22.42 14.67 1.58
N LEU B 332 22.69 13.77 0.65
CA LEU B 332 21.65 13.03 -0.05
C LEU B 332 21.40 11.71 0.68
N TYR B 333 20.14 11.26 0.68
CA TYR B 333 19.77 10.01 1.32
C TYR B 333 18.97 9.16 0.34
N PRO B 334 19.65 8.54 -0.63
CA PRO B 334 18.93 7.68 -1.57
C PRO B 334 18.37 6.44 -0.88
N GLU B 335 17.31 5.90 -1.47
CA GLU B 335 16.78 4.62 -1.05
C GLU B 335 17.50 3.52 -1.80
N PHE B 336 17.78 2.43 -1.08
CA PHE B 336 18.57 1.32 -1.57
C PHE B 336 17.74 0.04 -1.63
N LYS B 337 17.89 -0.66 -2.74
CA LYS B 337 17.49 -2.04 -2.98
C LYS B 337 18.67 -2.92 -2.56
N GLN B 338 18.51 -3.73 -1.50
CA GLN B 338 19.65 -4.57 -1.19
C GLN B 338 19.96 -5.50 -2.35
N ILE B 339 18.93 -6.06 -2.98
CA ILE B 339 19.06 -6.91 -4.16
C ILE B 339 18.28 -6.25 -5.30
N GLY B 340 18.96 -5.42 -6.09
CA GLY B 340 18.32 -4.64 -7.14
C GLY B 340 18.23 -5.34 -8.47
N ALA B 341 19.00 -6.41 -8.64
CA ALA B 341 18.96 -7.24 -9.82
C ALA B 341 19.34 -8.65 -9.40
N VAL B 342 19.15 -9.61 -10.31
CA VAL B 342 19.38 -11.00 -9.95
C VAL B 342 20.86 -11.25 -9.66
N THR B 343 21.74 -10.42 -10.20
CA THR B 343 23.17 -10.51 -9.93
C THR B 343 23.54 -10.12 -8.51
N GLY B 344 22.61 -9.60 -7.72
CA GLY B 344 22.95 -9.14 -6.39
C GLY B 344 23.52 -7.74 -6.33
N ARG B 345 23.64 -7.04 -7.45
CA ARG B 345 23.99 -5.63 -7.39
C ARG B 345 22.86 -4.85 -6.76
N MET B 346 23.21 -3.94 -5.86
CA MET B 346 22.23 -3.02 -5.34
C MET B 346 21.81 -2.02 -6.40
N SER B 347 20.66 -1.40 -6.18
CA SER B 347 20.28 -0.20 -6.90
C SER B 347 19.90 0.86 -5.88
N SER B 348 20.03 2.12 -6.29
CA SER B 348 19.67 3.25 -5.46
C SER B 348 18.79 4.20 -6.25
N LEU B 349 17.85 4.83 -5.54
CA LEU B 349 16.88 5.71 -6.16
C LEU B 349 16.69 6.93 -5.27
N LYS B 350 16.11 7.98 -5.86
CA LYS B 350 15.68 9.19 -5.15
C LYS B 350 16.80 9.89 -4.38
N PRO B 351 17.89 10.29 -5.04
CA PRO B 351 18.22 10.15 -6.47
C PRO B 351 19.12 8.95 -6.72
N ASN B 352 19.25 8.53 -7.97
CA ASN B 352 20.32 7.63 -8.38
C ASN B 352 21.49 8.49 -8.83
N VAL B 353 22.64 8.37 -8.14
CA VAL B 353 23.84 9.11 -8.51
C VAL B 353 24.91 8.25 -9.17
N GLN B 354 24.65 6.94 -9.36
CA GLN B 354 25.68 6.07 -9.93
C GLN B 354 25.93 6.37 -11.40
N ASN B 355 25.04 7.09 -12.07
CA ASN B 355 25.23 7.47 -13.47
C ASN B 355 25.91 8.82 -13.62
N VAL B 356 26.23 9.51 -12.53
CA VAL B 356 27.04 10.73 -12.64
C VAL B 356 28.41 10.36 -13.19
N PRO B 357 28.88 10.97 -14.27
CA PRO B 357 30.20 10.63 -14.79
C PRO B 357 31.28 10.85 -13.74
N ARG B 358 32.29 9.97 -13.75
CA ARG B 358 33.37 10.04 -12.78
C ARG B 358 33.98 11.42 -12.72
N GLU B 359 34.17 12.05 -13.87
CA GLU B 359 34.79 13.37 -13.95
C GLU B 359 33.92 14.48 -13.37
N GLU B 360 32.69 14.17 -12.93
CA GLU B 360 31.81 15.16 -12.30
C GLU B 360 31.54 14.85 -10.84
N ARG B 361 32.21 13.85 -10.27
CA ARG B 361 31.94 13.46 -8.89
C ARG B 361 32.58 14.40 -7.87
N ALA B 362 33.23 15.47 -8.31
CA ALA B 362 33.78 16.44 -7.37
C ALA B 362 32.71 17.08 -6.52
N ILE B 363 31.44 17.05 -6.95
CA ILE B 363 30.37 17.62 -6.14
C ILE B 363 30.14 16.84 -4.86
N PHE B 364 30.58 15.58 -4.81
CA PHE B 364 30.44 14.77 -3.61
C PHE B 364 31.68 14.96 -2.75
N LYS B 365 31.50 15.54 -1.56
CA LYS B 365 32.61 16.00 -0.74
C LYS B 365 32.27 15.80 0.73
N ALA B 366 33.21 15.21 1.47
CA ALA B 366 33.00 14.93 2.88
C ALA B 366 32.79 16.24 3.66
N PRO B 367 32.01 16.19 4.75
CA PRO B 367 31.86 17.38 5.58
C PRO B 367 33.18 17.75 6.26
N GLU B 368 33.26 19.01 6.69
CA GLU B 368 34.49 19.55 7.24
C GLU B 368 35.02 18.68 8.38
N GLY B 369 36.33 18.41 8.33
CA GLY B 369 36.98 17.53 9.28
C GLY B 369 37.00 16.06 8.87
N ASN B 370 36.18 15.67 7.90
CA ASN B 370 36.09 14.30 7.42
C ASN B 370 36.77 14.18 6.06
N THR B 371 36.91 12.94 5.60
CA THR B 371 37.43 12.68 4.28
C THR B 371 36.89 11.34 3.80
N PHE B 372 36.99 11.09 2.50
CA PHE B 372 36.65 9.79 1.96
C PHE B 372 37.88 8.91 1.88
N VAL B 373 37.67 7.62 2.08
CA VAL B 373 38.60 6.58 1.67
C VAL B 373 37.93 5.84 0.52
N ILE B 374 38.55 5.92 -0.67
CA ILE B 374 38.02 5.35 -1.90
C ILE B 374 38.90 4.19 -2.30
N ALA B 375 38.35 2.98 -2.31
CA ALA B 375 39.10 1.79 -2.65
C ALA B 375 38.38 0.99 -3.72
N ASP B 376 39.14 0.42 -4.65
CA ASP B 376 38.57 -0.32 -5.77
C ASP B 376 39.38 -1.57 -6.05
N PHE B 377 38.70 -2.56 -6.63
CA PHE B 377 39.32 -3.81 -7.08
C PHE B 377 39.82 -3.64 -8.51
N SER B 378 41.12 -3.82 -8.73
CA SER B 378 41.70 -3.58 -10.05
C SER B 378 41.31 -4.68 -11.04
N GLN B 379 40.74 -4.26 -12.18
CA GLN B 379 40.39 -5.16 -13.28
C GLN B 379 39.57 -6.36 -12.81
N ILE B 380 38.72 -6.15 -11.81
CA ILE B 380 38.12 -7.27 -11.07
C ILE B 380 37.30 -8.16 -12.00
N GLU B 381 36.60 -7.56 -12.96
CA GLU B 381 35.80 -8.34 -13.90
C GLU B 381 36.67 -9.28 -14.72
N LEU B 382 37.85 -8.81 -15.14
CA LEU B 382 38.76 -9.63 -15.92
C LEU B 382 39.33 -10.77 -15.08
N ARG B 383 39.71 -10.47 -13.83
CA ARG B 383 40.25 -11.49 -12.95
C ARG B 383 39.20 -12.55 -12.62
N ILE B 384 37.97 -12.12 -12.32
CA ILE B 384 36.90 -13.06 -12.02
C ILE B 384 36.62 -13.94 -13.24
N ALA B 385 36.49 -13.34 -14.41
CA ALA B 385 36.23 -14.11 -15.62
C ALA B 385 37.35 -15.10 -15.89
N ALA B 386 38.60 -14.68 -15.68
CA ALA B 386 39.74 -15.57 -15.91
C ALA B 386 39.68 -16.79 -15.01
N GLU B 387 39.34 -16.60 -13.74
CA GLU B 387 39.23 -17.76 -12.85
C GLU B 387 37.97 -18.57 -13.15
N TYR B 388 36.85 -17.88 -13.44
CA TYR B 388 35.59 -18.58 -13.66
C TYR B 388 35.69 -19.57 -14.83
N VAL B 389 36.31 -19.16 -15.94
CA VAL B 389 36.42 -20.01 -17.12
C VAL B 389 37.71 -20.81 -17.14
N ASN B 390 38.61 -20.58 -16.20
CA ASN B 390 39.88 -21.29 -16.13
C ASN B 390 40.69 -21.14 -17.42
N GLU B 391 40.84 -19.89 -17.89
CA GLU B 391 41.69 -19.53 -19.02
C GLU B 391 43.04 -19.13 -18.44
N GLU B 392 43.81 -20.17 -18.05
CA GLU B 392 45.00 -19.93 -17.26
C GLU B 392 46.18 -19.40 -18.08
N LEU B 393 46.05 -19.20 -19.38
CA LEU B 393 47.01 -18.27 -19.98
C LEU B 393 46.83 -16.90 -19.35
N MET B 394 45.57 -16.49 -19.07
CA MET B 394 45.32 -15.20 -18.45
C MET B 394 45.37 -15.27 -16.92
N ILE B 395 45.06 -16.41 -16.29
CA ILE B 395 45.45 -16.54 -14.88
C ILE B 395 46.95 -16.35 -14.73
N ARG B 396 47.71 -16.96 -15.62
CA ARG B 396 49.17 -16.91 -15.46
C ARG B 396 49.71 -15.51 -15.70
N ALA B 397 49.16 -14.78 -16.67
CA ALA B 397 49.58 -13.39 -16.87
C ALA B 397 49.30 -12.56 -15.63
N PHE B 398 48.12 -12.72 -15.04
CA PHE B 398 47.82 -12.05 -13.77
C PHE B 398 48.78 -12.52 -12.68
N ARG B 399 49.05 -13.83 -12.63
CA ARG B 399 49.94 -14.37 -11.61
C ARG B 399 51.38 -13.88 -11.80
N GLU B 400 51.79 -13.66 -13.05
CA GLU B 400 53.09 -13.06 -13.31
C GLU B 400 53.11 -11.55 -13.06
N GLY B 401 51.96 -10.96 -12.71
CA GLY B 401 51.91 -9.54 -12.48
C GLY B 401 51.95 -8.70 -13.73
N LYS B 402 51.62 -9.26 -14.88
CA LYS B 402 51.63 -8.48 -16.11
C LYS B 402 50.45 -7.53 -16.14
N ASP B 403 50.62 -6.42 -16.86
CA ASP B 403 49.51 -5.53 -17.17
C ASP B 403 48.69 -6.18 -18.28
N LEU B 404 47.45 -6.56 -17.97
CA LEU B 404 46.71 -7.39 -18.91
C LEU B 404 46.34 -6.62 -20.19
N HIS B 405 46.14 -5.32 -20.09
CA HIS B 405 45.82 -4.53 -21.27
C HIS B 405 47.01 -4.46 -22.22
N ARG B 406 48.20 -4.18 -21.69
CA ARG B 406 49.39 -4.21 -22.52
C ARG B 406 49.63 -5.60 -23.10
N TYR B 407 49.39 -6.63 -22.29
CA TYR B 407 49.56 -8.00 -22.78
C TYR B 407 48.60 -8.29 -23.91
N THR B 408 47.31 -7.97 -23.74
CA THR B 408 46.34 -8.22 -24.80
C THR B 408 46.64 -7.39 -26.04
N ALA B 409 47.09 -6.14 -25.84
CA ALA B 409 47.49 -5.32 -26.99
C ALA B 409 48.60 -6.00 -27.79
N SER B 410 49.58 -6.59 -27.09
CA SER B 410 50.67 -7.26 -27.78
C SER B 410 50.18 -8.43 -28.63
N LEU B 411 49.23 -9.21 -28.11
CA LEU B 411 48.74 -10.36 -28.86
C LEU B 411 47.93 -9.95 -30.08
N VAL B 412 47.03 -8.97 -29.92
CA VAL B 412 46.09 -8.64 -30.99
C VAL B 412 46.62 -7.67 -32.02
N LEU B 413 47.77 -7.02 -31.76
CA LEU B 413 48.29 -5.99 -32.66
C LEU B 413 49.49 -6.43 -33.49
N GLY B 414 50.05 -7.60 -33.23
CA GLY B 414 51.22 -8.05 -33.96
C GLY B 414 52.49 -7.30 -33.62
N LYS B 415 52.42 -6.29 -32.77
CA LYS B 415 53.56 -5.72 -32.09
C LYS B 415 53.67 -6.47 -30.76
N ARG B 416 54.57 -6.07 -29.88
CA ARG B 416 54.60 -6.69 -28.57
C ARG B 416 54.77 -5.63 -27.50
N GLU B 417 54.86 -6.10 -26.25
CA GLU B 417 54.51 -5.30 -25.08
C GLU B 417 55.35 -4.04 -24.95
N GLU B 418 56.67 -4.15 -25.10
CA GLU B 418 57.50 -2.96 -24.89
C GLU B 418 57.24 -1.88 -25.94
N GLU B 419 56.74 -2.26 -27.12
CA GLU B 419 56.42 -1.31 -28.18
C GLU B 419 55.00 -0.77 -28.08
N ILE B 420 54.17 -1.32 -27.19
CA ILE B 420 52.78 -0.91 -27.07
C ILE B 420 52.73 0.51 -26.52
N THR B 421 52.13 1.43 -27.28
CA THR B 421 51.90 2.77 -26.76
C THR B 421 50.75 2.74 -25.77
N LYS B 422 50.61 3.81 -24.98
CA LYS B 422 49.50 3.81 -24.05
C LYS B 422 48.17 4.09 -24.73
N GLU B 423 48.19 4.56 -25.98
CA GLU B 423 46.94 4.67 -26.75
C GLU B 423 46.45 3.28 -27.17
N GLU B 424 47.36 2.44 -27.67
CA GLU B 424 47.03 1.06 -28.00
C GLU B 424 46.57 0.29 -26.76
N ARG B 425 47.13 0.62 -25.59
CA ARG B 425 46.70 0.00 -24.34
C ARG B 425 45.22 0.29 -24.07
N GLN B 426 44.77 1.50 -24.41
CA GLN B 426 43.36 1.86 -24.26
C GLN B 426 42.48 1.03 -25.16
N LEU B 427 42.93 0.79 -26.40
CA LEU B 427 42.20 -0.07 -27.31
C LEU B 427 42.07 -1.48 -26.76
N ALA B 428 43.14 -2.01 -26.16
CA ALA B 428 43.10 -3.36 -25.60
C ALA B 428 42.19 -3.44 -24.39
N LYS B 429 42.07 -2.34 -23.64
CA LYS B 429 41.08 -2.27 -22.56
C LYS B 429 39.69 -2.62 -23.08
N ALA B 430 39.29 -1.98 -24.18
CA ALA B 430 37.99 -2.30 -24.78
C ALA B 430 37.93 -3.76 -25.22
N ILE B 431 39.03 -4.29 -25.76
CA ILE B 431 39.04 -5.69 -26.19
C ILE B 431 38.86 -6.62 -25.00
N ASN B 432 39.64 -6.39 -23.94
CA ASN B 432 39.59 -7.25 -22.76
C ASN B 432 38.22 -7.23 -22.10
N PHE B 433 37.71 -6.03 -21.79
CA PHE B 433 36.46 -5.94 -21.06
C PHE B 433 35.25 -6.29 -21.92
N GLY B 434 35.38 -6.24 -23.24
CA GLY B 434 34.29 -6.59 -24.12
C GLY B 434 34.24 -8.06 -24.50
N LEU B 435 35.40 -8.61 -24.87
CA LEU B 435 35.42 -9.94 -25.47
C LEU B 435 35.27 -11.08 -24.46
N ILE B 436 35.50 -10.81 -23.16
CA ILE B 436 35.23 -11.83 -22.16
C ILE B 436 33.74 -12.18 -22.13
N TYR B 437 32.88 -11.30 -22.66
CA TYR B 437 31.46 -11.58 -22.77
C TYR B 437 31.06 -11.97 -24.19
N GLY B 438 32.04 -12.23 -25.06
CA GLY B 438 31.78 -12.76 -26.39
C GLY B 438 31.01 -11.85 -27.31
N ILE B 439 31.04 -10.53 -27.09
CA ILE B 439 30.28 -9.63 -27.96
C ILE B 439 30.85 -9.72 -29.38
N SER B 440 30.00 -9.33 -30.34
CA SER B 440 30.37 -9.38 -31.74
C SER B 440 31.45 -8.34 -32.06
N ALA B 441 32.00 -8.46 -33.28
CA ALA B 441 32.94 -7.46 -33.76
C ALA B 441 32.30 -6.09 -33.88
N LYS B 442 31.06 -6.04 -34.40
CA LYS B 442 30.34 -4.78 -34.40
C LYS B 442 30.14 -4.27 -32.98
N GLY B 443 29.78 -5.16 -32.05
CA GLY B 443 29.64 -4.76 -30.66
C GLY B 443 30.94 -4.30 -30.04
N LEU B 444 32.05 -4.90 -30.46
CA LEU B 444 33.35 -4.46 -29.95
C LEU B 444 33.67 -3.05 -30.44
N ALA B 445 33.44 -2.77 -31.72
CA ALA B 445 33.64 -1.41 -32.23
C ALA B 445 32.74 -0.41 -31.52
N GLU B 446 31.46 -0.77 -31.33
CA GLU B 446 30.52 0.01 -30.54
C GLU B 446 31.10 0.36 -29.18
N TYR B 447 31.53 -0.68 -28.46
CA TYR B 447 31.96 -0.52 -27.07
C TYR B 447 33.25 0.27 -26.99
N ALA B 448 34.16 0.07 -27.94
CA ALA B 448 35.40 0.86 -27.97
C ALA B 448 35.09 2.34 -28.12
N ARG B 449 34.14 2.68 -28.98
CA ARG B 449 33.83 4.09 -29.24
C ARG B 449 33.17 4.74 -28.05
N THR B 450 32.08 4.16 -27.57
CA THR B 450 31.31 4.79 -26.50
C THR B 450 31.98 4.63 -25.14
N GLY B 451 32.69 3.53 -24.91
CA GLY B 451 33.28 3.30 -23.61
C GLY B 451 34.66 3.91 -23.43
N TYR B 452 35.36 4.18 -24.53
CA TYR B 452 36.76 4.58 -24.42
C TYR B 452 37.18 5.66 -25.41
N GLY B 453 36.29 6.16 -26.26
CA GLY B 453 36.72 7.12 -27.26
C GLY B 453 37.65 6.55 -28.30
N VAL B 454 37.61 5.24 -28.51
CA VAL B 454 38.51 4.54 -29.43
C VAL B 454 37.74 4.22 -30.71
N GLU B 455 38.32 4.56 -31.86
CA GLU B 455 37.69 4.34 -33.15
C GLU B 455 38.40 3.20 -33.89
N ILE B 456 37.70 2.09 -34.08
CA ILE B 456 38.12 1.01 -34.96
C ILE B 456 36.92 0.60 -35.80
N SER B 457 37.21 0.12 -37.00
CA SER B 457 36.16 -0.37 -37.88
C SER B 457 35.73 -1.78 -37.47
N GLU B 458 34.58 -2.20 -37.99
CA GLU B 458 34.15 -3.57 -37.76
C GLU B 458 35.17 -4.56 -38.30
N GLU B 459 35.83 -4.23 -39.41
CA GLU B 459 36.84 -5.12 -39.97
C GLU B 459 38.02 -5.31 -39.03
N GLU B 460 38.54 -4.21 -38.48
CA GLU B 460 39.64 -4.31 -37.52
C GLU B 460 39.19 -5.05 -36.26
N ALA B 461 37.98 -4.78 -35.79
CA ALA B 461 37.49 -5.47 -34.59
C ALA B 461 37.44 -6.97 -34.82
N GLU B 462 37.11 -7.41 -36.03
CA GLU B 462 37.11 -8.84 -36.33
C GLU B 462 38.51 -9.43 -36.22
N THR B 463 39.50 -8.74 -36.79
CA THR B 463 40.88 -9.20 -36.69
C THR B 463 41.30 -9.33 -35.24
N PHE B 464 41.00 -8.31 -34.43
CA PHE B 464 41.34 -8.39 -33.01
C PHE B 464 40.56 -9.49 -32.32
N ARG B 465 39.27 -9.62 -32.66
CA ARG B 465 38.44 -10.66 -32.05
C ARG B 465 39.01 -12.05 -32.30
N ASN B 466 39.44 -12.32 -33.54
CA ASN B 466 39.98 -13.63 -33.87
C ASN B 466 41.26 -13.91 -33.10
N ARG B 467 42.20 -12.97 -33.11
CA ARG B 467 43.45 -13.16 -32.39
C ARG B 467 43.22 -13.31 -30.90
N PHE B 468 42.19 -12.62 -30.36
CA PHE B 468 41.94 -12.70 -28.93
C PHE B 468 41.54 -14.12 -28.51
N PHE B 469 40.59 -14.72 -29.22
CA PHE B 469 40.14 -16.04 -28.84
C PHE B 469 41.10 -17.14 -29.27
N LYS B 470 41.92 -16.90 -30.29
CA LYS B 470 42.98 -17.84 -30.64
C LYS B 470 43.94 -18.05 -29.49
N ASN B 471 44.21 -17.00 -28.72
CA ASN B 471 45.08 -17.11 -27.54
C ASN B 471 44.31 -17.54 -26.29
N PHE B 472 43.14 -16.94 -26.05
CA PHE B 472 42.36 -17.21 -24.85
C PHE B 472 41.29 -18.26 -25.19
N LYS B 473 41.74 -19.52 -25.28
CA LYS B 473 40.87 -20.59 -25.75
C LYS B 473 39.66 -20.77 -24.86
N ALA B 474 39.85 -20.75 -23.55
CA ALA B 474 38.76 -21.11 -22.64
C ALA B 474 37.58 -20.15 -22.76
N PHE B 475 37.82 -18.91 -23.16
CA PHE B 475 36.71 -17.97 -23.31
C PHE B 475 35.84 -18.34 -24.51
N LYS B 476 36.47 -18.68 -25.64
CA LYS B 476 35.69 -19.18 -26.78
C LYS B 476 34.99 -20.49 -26.42
N LEU B 477 35.70 -21.39 -25.74
CA LEU B 477 35.08 -22.64 -25.29
C LEU B 477 33.92 -22.37 -24.36
N TRP B 478 34.07 -21.39 -23.45
CA TRP B 478 32.97 -21.04 -22.55
C TRP B 478 31.78 -20.48 -23.32
N HIS B 479 32.03 -19.59 -24.28
CA HIS B 479 30.93 -19.01 -25.06
C HIS B 479 30.16 -20.09 -25.81
N GLU B 480 30.85 -21.16 -26.21
CA GLU B 480 30.20 -22.25 -26.96
C GLU B 480 29.31 -23.07 -26.02
N LYS B 481 29.84 -23.44 -24.86
CA LYS B 481 29.07 -23.92 -23.73
C LYS B 481 27.70 -23.24 -23.65
N VAL B 482 27.74 -21.90 -23.52
CA VAL B 482 26.53 -21.11 -23.30
C VAL B 482 25.61 -21.16 -24.51
N LYS B 483 26.15 -20.92 -25.70
CA LYS B 483 25.33 -20.95 -26.91
C LYS B 483 24.71 -22.33 -27.11
N LYS B 484 25.47 -23.38 -26.82
CA LYS B 484 24.97 -24.75 -26.90
C LYS B 484 23.71 -24.95 -26.07
N GLU B 485 23.77 -24.60 -24.79
CA GLU B 485 22.63 -24.81 -23.90
C GLU B 485 21.44 -23.96 -24.30
N LEU B 486 21.67 -22.71 -24.73
CA LEU B 486 20.57 -21.83 -25.11
C LEU B 486 19.83 -22.37 -26.33
N LYS B 487 20.56 -23.01 -27.25
CA LYS B 487 19.95 -23.70 -28.38
C LYS B 487 18.96 -24.76 -27.92
N GLU B 488 19.44 -25.68 -27.09
CA GLU B 488 18.68 -26.87 -26.70
C GLU B 488 17.54 -26.53 -25.75
N LYS B 489 17.88 -26.02 -24.57
CA LYS B 489 16.89 -25.84 -23.52
C LYS B 489 16.36 -24.42 -23.41
N GLY B 490 16.86 -23.51 -24.23
CA GLY B 490 16.37 -22.14 -24.23
C GLY B 490 16.73 -21.31 -23.02
N VAL B 491 17.27 -21.91 -21.96
CA VAL B 491 17.68 -21.19 -20.77
C VAL B 491 19.05 -21.67 -20.34
N PHE B 492 19.76 -20.81 -19.60
CA PHE B 492 21.00 -21.18 -18.94
C PHE B 492 20.89 -20.90 -17.45
N ARG B 493 21.16 -21.92 -16.64
CA ARG B 493 21.12 -21.85 -15.19
C ARG B 493 22.52 -22.06 -14.66
N GLY B 494 23.07 -21.04 -14.01
CA GLY B 494 24.38 -21.14 -13.39
C GLY B 494 24.40 -20.56 -12.00
N ARG B 495 25.60 -20.38 -11.44
CA ARG B 495 25.74 -19.86 -10.09
C ARG B 495 27.01 -19.03 -10.01
N THR B 496 26.96 -17.98 -9.17
CA THR B 496 28.19 -17.29 -8.83
C THR B 496 29.06 -18.19 -7.94
N LEU B 497 30.28 -17.74 -7.68
CA LEU B 497 31.23 -18.54 -6.93
C LEU B 497 30.79 -18.75 -5.49
N LEU B 498 29.95 -17.86 -4.95
CA LEU B 498 29.45 -18.01 -3.59
C LEU B 498 28.14 -18.78 -3.52
N GLY B 499 27.58 -19.18 -4.67
CA GLY B 499 26.37 -19.96 -4.71
C GLY B 499 25.13 -19.21 -5.12
N ARG B 500 25.23 -17.92 -5.45
CA ARG B 500 24.08 -17.17 -5.92
C ARG B 500 23.63 -17.72 -7.27
N ARG B 501 22.39 -18.18 -7.35
CA ARG B 501 21.86 -18.77 -8.57
C ARG B 501 21.33 -17.69 -9.51
N PHE B 502 21.27 -18.03 -10.80
CA PHE B 502 20.66 -17.15 -11.79
C PHE B 502 20.10 -17.98 -12.92
N THR B 503 19.15 -17.40 -13.64
CA THR B 503 18.53 -18.03 -14.80
C THR B 503 18.56 -17.04 -15.95
N ALA B 504 19.33 -17.35 -16.98
CA ALA B 504 19.48 -16.47 -18.13
C ALA B 504 18.76 -17.04 -19.35
N THR B 505 18.16 -16.15 -20.14
CA THR B 505 17.49 -16.53 -21.37
C THR B 505 18.13 -15.94 -22.62
N THR B 506 19.18 -15.14 -22.48
CA THR B 506 19.95 -14.64 -23.60
C THR B 506 21.42 -14.92 -23.36
N PHE B 507 22.21 -14.90 -24.45
CA PHE B 507 23.64 -15.13 -24.32
C PHE B 507 24.30 -14.02 -23.50
N ASN B 508 23.90 -12.77 -23.74
CA ASN B 508 24.51 -11.65 -23.02
C ASN B 508 24.23 -11.74 -21.52
N ASP B 509 23.01 -12.11 -21.14
CA ASP B 509 22.72 -12.31 -19.73
C ASP B 509 23.48 -13.51 -19.17
N ALA B 510 23.62 -14.57 -19.98
CA ALA B 510 24.23 -15.80 -19.48
C ALA B 510 25.71 -15.62 -19.18
N VAL B 511 26.40 -14.71 -19.87
CA VAL B 511 27.82 -14.51 -19.60
C VAL B 511 28.06 -13.45 -18.53
N ASN B 512 27.22 -12.40 -18.47
CA ASN B 512 27.45 -11.37 -17.46
C ASN B 512 27.05 -11.83 -16.06
N TYR B 513 25.89 -12.47 -15.93
CA TYR B 513 25.34 -12.81 -14.62
C TYR B 513 26.35 -13.52 -13.69
N PRO B 514 27.08 -14.54 -14.14
CA PRO B 514 28.05 -15.15 -13.19
C PRO B 514 29.22 -14.23 -12.85
N ILE B 515 29.66 -13.38 -13.78
CA ILE B 515 30.82 -12.53 -13.50
C ILE B 515 30.41 -11.33 -12.66
N GLN B 516 29.39 -10.59 -13.11
CA GLN B 516 28.89 -9.47 -12.33
C GLN B 516 28.30 -9.93 -11.02
N GLY B 517 27.68 -11.12 -11.01
CA GLY B 517 27.14 -11.65 -9.76
C GLY B 517 28.25 -12.01 -8.79
N THR B 518 29.34 -12.59 -9.29
CA THR B 518 30.48 -12.85 -8.42
C THR B 518 31.08 -11.54 -7.92
N GLY B 519 31.13 -10.51 -8.78
CA GLY B 519 31.63 -9.22 -8.35
C GLY B 519 30.78 -8.58 -7.27
N ALA B 520 29.45 -8.77 -7.35
CA ALA B 520 28.59 -8.25 -6.30
C ALA B 520 28.81 -8.98 -4.99
N ASP B 521 28.97 -10.32 -5.05
CA ASP B 521 29.30 -11.08 -3.85
C ASP B 521 30.57 -10.55 -3.20
N LEU B 522 31.59 -10.26 -4.01
CA LEU B 522 32.88 -9.83 -3.48
C LEU B 522 32.75 -8.49 -2.76
N LEU B 523 32.10 -7.53 -3.39
CA LEU B 523 31.95 -6.20 -2.79
C LEU B 523 31.24 -6.29 -1.45
N LYS B 524 30.18 -7.09 -1.37
CA LYS B 524 29.46 -7.21 -0.11
C LYS B 524 30.31 -7.90 0.95
N LEU B 525 31.05 -8.95 0.56
CA LEU B 525 31.92 -9.61 1.52
C LEU B 525 32.99 -8.67 2.05
N ALA B 526 33.60 -7.87 1.17
CA ALA B 526 34.63 -6.94 1.62
C ALA B 526 34.09 -5.94 2.64
N VAL B 527 32.86 -5.45 2.42
CA VAL B 527 32.28 -4.51 3.37
C VAL B 527 32.09 -5.20 4.73
N LEU B 528 31.60 -6.44 4.72
CA LEU B 528 31.39 -7.18 5.97
C LEU B 528 32.69 -7.35 6.72
N LEU B 529 33.76 -7.73 6.01
CA LEU B 529 35.05 -7.92 6.68
C LEU B 529 35.60 -6.59 7.19
N PHE B 530 35.38 -5.51 6.45
CA PHE B 530 35.83 -4.20 6.91
C PHE B 530 35.14 -3.83 8.22
N ASP B 531 33.83 -3.99 8.26
CA ASP B 531 33.07 -3.62 9.46
C ASP B 531 33.54 -4.40 10.68
N ALA B 532 33.81 -5.70 10.52
CA ALA B 532 34.27 -6.52 11.63
C ALA B 532 35.64 -6.06 12.12
N GLU B 533 36.56 -5.82 11.19
CA GLU B 533 37.90 -5.38 11.59
C GLU B 533 37.86 -3.95 12.13
N ALA B 534 37.01 -3.10 11.56
CA ALA B 534 36.88 -1.73 12.07
C ALA B 534 36.35 -1.70 13.49
N LYS B 535 35.38 -2.58 13.80
CA LYS B 535 34.85 -2.65 15.17
C LYS B 535 35.92 -3.13 16.14
N LYS B 536 36.74 -4.10 15.73
CA LYS B 536 37.81 -4.58 16.59
C LYS B 536 38.78 -3.46 16.95
N LYS B 537 39.10 -2.61 15.97
CA LYS B 537 40.03 -1.52 16.19
C LYS B 537 39.34 -0.27 16.70
N LYS B 538 38.04 -0.34 16.98
CA LYS B 538 37.28 0.80 17.47
C LYS B 538 37.42 2.01 16.54
N LEU B 539 37.33 1.76 15.23
CA LEU B 539 37.41 2.80 14.23
C LEU B 539 36.02 3.24 13.82
N ASP B 540 35.79 4.55 13.75
CA ASP B 540 34.51 5.12 13.38
C ASP B 540 34.56 5.47 11.89
N ALA B 541 33.72 4.82 11.10
CA ALA B 541 33.69 5.07 9.67
C ALA B 541 32.31 4.73 9.13
N LYS B 542 31.85 5.52 8.15
CA LYS B 542 30.55 5.32 7.53
C LYS B 542 30.74 4.89 6.08
N LEU B 543 30.09 3.81 5.68
CA LEU B 543 29.96 3.47 4.27
C LEU B 543 29.03 4.46 3.60
N VAL B 544 29.47 5.07 2.51
CA VAL B 544 28.64 6.04 1.83
C VAL B 544 28.38 5.72 0.37
N ASN B 545 29.18 4.85 -0.26
CA ASN B 545 28.85 4.39 -1.60
C ASN B 545 29.47 3.02 -1.86
N LEU B 546 28.74 2.22 -2.62
CA LEU B 546 29.16 0.87 -2.99
C LEU B 546 28.62 0.58 -4.37
N VAL B 547 29.51 0.38 -5.35
CA VAL B 547 29.06 0.14 -6.71
C VAL B 547 30.17 -0.54 -7.49
N HIS B 548 29.77 -1.51 -8.31
CA HIS B 548 30.65 -2.15 -9.29
C HIS B 548 31.87 -2.76 -8.60
N ASP B 549 32.97 -2.02 -8.56
CA ASP B 549 34.22 -2.51 -8.00
C ASP B 549 34.76 -1.60 -6.90
N GLU B 550 33.95 -0.69 -6.36
CA GLU B 550 34.46 0.43 -5.59
C GLU B 550 33.68 0.62 -4.29
N ILE B 551 34.43 0.86 -3.22
CA ILE B 551 33.90 1.12 -1.88
C ILE B 551 34.31 2.53 -1.49
N VAL B 552 33.36 3.32 -0.97
CA VAL B 552 33.67 4.63 -0.43
C VAL B 552 33.21 4.67 1.02
N VAL B 553 34.13 4.93 1.93
CA VAL B 553 33.78 5.16 3.32
C VAL B 553 34.21 6.58 3.69
N GLU B 554 33.50 7.14 4.67
CA GLU B 554 33.74 8.46 5.19
C GLU B 554 34.16 8.35 6.65
N CYS B 555 35.16 9.14 7.04
CA CYS B 555 35.69 9.08 8.40
C CYS B 555 36.42 10.39 8.70
N ARG B 556 36.73 10.58 9.98
CA ARG B 556 37.53 11.73 10.39
C ARG B 556 38.93 11.62 9.79
N LYS B 557 39.50 12.77 9.44
CA LYS B 557 40.81 12.78 8.78
C LYS B 557 41.87 12.08 9.62
N GLU B 558 41.79 12.22 10.96
CA GLU B 558 42.87 11.70 11.80
C GLU B 558 42.87 10.17 11.91
N VAL B 559 41.83 9.48 11.46
CA VAL B 559 41.86 8.00 11.38
C VAL B 559 41.88 7.49 9.94
N ALA B 560 41.91 8.37 8.94
CA ALA B 560 41.68 7.91 7.57
C ALA B 560 42.76 6.93 7.10
N ASN B 561 44.03 7.18 7.45
CA ASN B 561 45.06 6.25 6.95
C ASN B 561 44.86 4.86 7.54
N GLN B 562 44.47 4.78 8.82
CA GLN B 562 44.18 3.48 9.43
C GLN B 562 42.91 2.88 8.84
N VAL B 563 41.90 3.71 8.58
CA VAL B 563 40.71 3.18 7.92
C VAL B 563 41.08 2.60 6.55
N LYS B 564 41.94 3.29 5.81
CA LYS B 564 42.37 2.82 4.50
C LYS B 564 43.11 1.48 4.61
N GLU B 565 43.99 1.33 5.58
CA GLU B 565 44.72 0.08 5.72
C GLU B 565 43.77 -1.07 6.08
N VAL B 566 42.81 -0.81 6.98
CA VAL B 566 41.85 -1.85 7.34
C VAL B 566 40.98 -2.23 6.13
N LEU B 567 40.55 -1.22 5.38
CA LEU B 567 39.69 -1.48 4.22
C LEU B 567 40.42 -2.28 3.15
N GLU B 568 41.66 -1.88 2.84
CA GLU B 568 42.42 -2.56 1.80
C GLU B 568 42.63 -4.03 2.14
N LYS B 569 42.95 -4.32 3.39
CA LYS B 569 43.25 -5.70 3.72
C LYS B 569 41.97 -6.51 3.94
N ALA B 570 40.87 -5.87 4.34
CA ALA B 570 39.59 -6.59 4.32
C ALA B 570 39.21 -6.93 2.89
N MET B 571 39.48 -6.02 1.96
CA MET B 571 39.16 -6.26 0.55
C MET B 571 40.02 -7.39 -0.02
N LYS B 572 41.32 -7.39 0.31
CA LYS B 572 42.18 -8.47 -0.12
C LYS B 572 41.79 -9.79 0.54
N GLN B 573 41.36 -9.73 1.80
CA GLN B 573 40.83 -10.91 2.47
C GLN B 573 39.65 -11.49 1.72
N ALA B 574 38.71 -10.63 1.30
CA ALA B 574 37.55 -11.10 0.55
C ALA B 574 37.98 -11.68 -0.79
N GLY B 575 38.94 -11.05 -1.46
CA GLY B 575 39.40 -11.57 -2.75
C GLY B 575 39.99 -12.96 -2.64
N LYS B 576 40.73 -13.22 -1.57
CA LYS B 576 41.35 -14.53 -1.43
C LYS B 576 40.33 -15.62 -1.10
N ILE B 577 39.20 -15.25 -0.51
CA ILE B 577 38.12 -16.22 -0.29
C ILE B 577 37.49 -16.61 -1.61
N ILE B 578 37.28 -15.64 -2.50
CA ILE B 578 36.57 -15.87 -3.75
C ILE B 578 37.50 -16.39 -4.85
N LEU B 579 38.71 -15.84 -4.97
CA LEU B 579 39.62 -16.18 -6.07
C LEU B 579 40.82 -16.95 -5.51
N LYS B 580 41.04 -18.16 -6.05
CA LYS B 580 42.08 -19.04 -5.57
C LYS B 580 43.29 -19.11 -6.50
N LYS B 581 43.14 -18.76 -7.77
CA LYS B 581 44.25 -18.76 -8.71
C LYS B 581 44.71 -17.37 -9.12
N VAL B 582 43.79 -16.42 -9.29
CA VAL B 582 44.16 -15.07 -9.71
C VAL B 582 44.36 -14.20 -8.48
N PRO B 583 45.49 -13.52 -8.37
CA PRO B 583 45.65 -12.57 -7.26
C PRO B 583 44.68 -11.41 -7.42
N VAL B 584 44.20 -10.90 -6.29
CA VAL B 584 43.28 -9.77 -6.27
C VAL B 584 44.08 -8.55 -5.81
N GLU B 585 44.08 -7.52 -6.65
CA GLU B 585 44.78 -6.28 -6.38
C GLU B 585 43.80 -5.19 -5.97
N VAL B 586 44.25 -4.34 -5.05
CA VAL B 586 43.43 -3.27 -4.51
C VAL B 586 44.20 -1.96 -4.58
N GLU B 587 43.56 -0.90 -5.05
CA GLU B 587 44.10 0.45 -4.98
C GLU B 587 43.14 1.30 -4.16
N SER B 588 43.69 2.28 -3.46
CA SER B 588 42.86 3.16 -2.67
C SER B 588 43.53 4.51 -2.53
N VAL B 589 42.69 5.54 -2.35
CA VAL B 589 43.16 6.89 -2.11
C VAL B 589 42.32 7.49 -0.99
N ILE B 590 42.87 8.54 -0.40
CA ILE B 590 42.19 9.35 0.58
C ILE B 590 41.99 10.72 -0.06
N ASN B 591 40.74 11.14 -0.17
CA ASN B 591 40.40 12.40 -0.82
C ASN B 591 39.13 12.94 -0.19
N GLU B 592 39.09 14.26 0.05
CA GLU B 592 37.88 14.88 0.58
C GLU B 592 36.72 14.78 -0.40
N ARG B 593 37.01 14.64 -1.69
CA ARG B 593 36.01 14.52 -2.73
C ARG B 593 36.06 13.11 -3.31
N TRP B 594 34.96 12.72 -3.96
CA TRP B 594 34.85 11.38 -4.54
C TRP B 594 35.59 11.38 -5.89
N ILE B 595 36.92 11.42 -5.79
CA ILE B 595 37.79 11.53 -6.96
C ILE B 595 38.99 10.62 -6.77
N LYS B 596 39.26 9.77 -7.76
CA LYS B 596 40.46 8.92 -7.75
C LYS B 596 41.48 9.51 -8.71
N ASP B 597 42.41 10.30 -8.18
CA ASP B 597 43.47 10.92 -8.96
C ASP B 597 44.78 11.01 -8.17
#